data_6JIM
#
_entry.id   6JIM
#
_cell.length_a   53.888
_cell.length_b   53.905
_cell.length_c   100.718
_cell.angle_alpha   96.93
_cell.angle_beta   94.07
_cell.angle_gamma   97.04
#
_symmetry.space_group_name_H-M   'P 1'
#
loop_
_entity.id
_entity.type
_entity.pdbx_description
1 polymer helicase
2 polymer "RNA (5'-R(P*UP*UP*UP*UP*UP)-3')"
3 non-polymer "ADENOSINE-5'-DIPHOSPHATE"
4 non-polymer 'MAGNESIUM ION'
5 non-polymer 'ALUMINUM ION'
6 non-polymer 'FLUORIDE ION'
7 non-polymer 'CHLORIDE ION'
8 non-polymer GLYCEROL
9 water water
#
loop_
_entity_poly.entity_id
_entity_poly.type
_entity_poly.pdbx_seq_one_letter_code
_entity_poly.pdbx_strand_id
1 'polypeptide(L)'
;GIIETPRGAIKVTAQPTDHVVGEYLVLSPQTVLRSQKLSLIHALAEQVKTCTHNGRAGRYAVEAYDGRVLVPSGYAISPE
DFQSLSESATMVYNEREFVNRKLHHIAMHGPALNTDEESYELVRAERTEHEYVYDVDQRRCCKKEEAAGLVLVGDLTNPP
YHEFAYEGLKIRPACPYKIAVIGVFGVPGSGKSAIIKNLVTRQDLVTSGKKENCQEITTDVMRQRGLEISARTVDSLLLN
GCNRPVDVLYVDEAFACHSGTLLALIALVRPRQKVVLCGDPKQCGFFNMMQMKVNYNHNICTQVYHKSISRRCTLPVTAI
VSSLHYEGKMRTTNEYNKPIVVDTTGSTKPDPGDLVLTCFRGWVKQLQIDYRGYEVMTAAASQGLTRKGVYAVRQKVNEN
PLYASTSEHVNVLLTRTEGKLVWKTLSGDPWIKTLQNPPKGNFKATIKEWEVEHASIMAGICSHQ
;
A,B
2 'polyribonucleotide' UUUUUAAU C,D
#
# COMPACT_ATOMS: atom_id res chain seq x y z
N GLY A 1 3.35 -4.96 -28.95
CA GLY A 1 2.37 -4.86 -30.01
C GLY A 1 2.11 -3.42 -30.42
N ILE A 2 1.28 -3.23 -31.42
CA ILE A 2 0.98 -1.87 -31.87
C ILE A 2 -0.30 -1.41 -31.19
N ILE A 3 -0.34 -0.12 -30.88
CA ILE A 3 -1.50 0.50 -30.26
C ILE A 3 -1.89 1.76 -31.03
N GLU A 4 -3.13 1.78 -31.53
CA GLU A 4 -3.69 2.94 -32.22
C GLU A 4 -4.85 3.50 -31.41
N THR A 5 -5.26 4.71 -31.75
CA THR A 5 -6.40 5.36 -31.09
C THR A 5 -7.31 6.01 -32.12
N PRO A 6 -7.94 5.21 -32.99
CA PRO A 6 -8.88 5.78 -33.99
C PRO A 6 -10.09 6.38 -33.29
N ARG A 7 -10.34 7.66 -33.58
CA ARG A 7 -11.40 8.41 -32.91
C ARG A 7 -12.74 7.69 -33.01
N GLY A 8 -13.38 7.49 -31.85
CA GLY A 8 -12.81 7.80 -30.56
C GLY A 8 -12.69 6.52 -29.75
N ALA A 9 -11.73 5.68 -30.14
CA ALA A 9 -11.61 4.34 -29.61
C ALA A 9 -10.14 3.99 -29.46
N ILE A 10 -9.88 2.77 -29.02
CA ILE A 10 -8.52 2.27 -28.86
C ILE A 10 -8.45 0.90 -29.52
N LYS A 11 -7.38 0.65 -30.26
CA LYS A 11 -7.16 -0.60 -30.96
C LYS A 11 -5.74 -1.06 -30.70
N VAL A 12 -5.59 -2.30 -30.25
CA VAL A 12 -4.28 -2.91 -30.03
C VAL A 12 -4.14 -4.05 -31.01
N THR A 13 -3.04 -4.05 -31.76
CA THR A 13 -2.75 -5.11 -32.71
C THR A 13 -1.52 -5.85 -32.23
N ALA A 14 -1.66 -7.15 -32.03
CA ALA A 14 -0.54 -7.99 -31.65
C ALA A 14 0.29 -8.34 -32.87
N GLN A 15 1.59 -8.36 -32.69
CA GLN A 15 2.57 -8.74 -33.71
C GLN A 15 3.10 -10.13 -33.43
N PRO A 16 3.67 -10.81 -34.45
CA PRO A 16 4.07 -12.22 -34.27
C PRO A 16 5.01 -12.49 -33.09
N THR A 17 5.74 -11.48 -32.61
CA THR A 17 6.63 -11.67 -31.46
C THR A 17 5.89 -11.71 -30.13
N ASP A 18 4.63 -11.28 -30.09
CA ASP A 18 3.98 -10.93 -28.83
C ASP A 18 3.52 -12.17 -28.08
N HIS A 19 3.58 -12.08 -26.75
CA HIS A 19 2.97 -13.09 -25.89
C HIS A 19 1.47 -12.83 -25.85
N VAL A 20 0.69 -13.83 -26.27
CA VAL A 20 -0.75 -13.66 -26.45
C VAL A 20 -1.46 -14.89 -25.89
N VAL A 21 -2.55 -14.67 -25.16
CA VAL A 21 -3.45 -15.71 -24.71
C VAL A 21 -4.77 -15.51 -25.44
N GLY A 22 -5.09 -16.40 -26.38
CA GLY A 22 -6.25 -16.19 -27.22
C GLY A 22 -6.15 -14.89 -27.97
N GLU A 23 -7.03 -13.93 -27.68
CA GLU A 23 -7.01 -12.61 -28.32
C GLU A 23 -6.51 -11.52 -27.38
N TYR A 24 -5.99 -11.87 -26.22
CA TYR A 24 -5.51 -10.90 -25.26
C TYR A 24 -3.99 -10.84 -25.32
N LEU A 25 -3.46 -9.62 -25.44
CA LEU A 25 -2.03 -9.38 -25.46
C LEU A 25 -1.51 -9.32 -24.04
N VAL A 26 -0.43 -10.07 -23.78
CA VAL A 26 0.19 -10.12 -22.47
C VAL A 26 1.32 -9.10 -22.43
N LEU A 27 1.23 -8.14 -21.50
CA LEU A 27 2.19 -7.07 -21.39
C LEU A 27 2.71 -7.01 -19.97
N SER A 28 3.98 -6.60 -19.84
CA SER A 28 4.52 -6.26 -18.54
C SER A 28 3.94 -4.92 -18.09
N PRO A 29 3.78 -4.72 -16.77
CA PRO A 29 3.27 -3.43 -16.30
C PRO A 29 4.09 -2.24 -16.76
N GLN A 30 5.42 -2.38 -16.82
CA GLN A 30 6.26 -1.27 -17.24
C GLN A 30 6.02 -0.92 -18.70
N THR A 31 5.86 -1.93 -19.56
CA THR A 31 5.53 -1.67 -20.96
C THR A 31 4.24 -0.87 -21.08
N VAL A 32 3.24 -1.21 -20.26
CA VAL A 32 2.01 -0.41 -20.22
C VAL A 32 2.32 1.02 -19.76
N LEU A 33 3.14 1.15 -18.71
CA LEU A 33 3.40 2.48 -18.16
C LEU A 33 4.20 3.36 -19.11
N ARG A 34 5.05 2.75 -19.95
CA ARG A 34 5.82 3.54 -20.91
C ARG A 34 4.93 4.07 -22.03
N SER A 35 3.80 3.41 -22.30
CA SER A 35 2.97 3.74 -23.45
C SER A 35 1.98 4.82 -23.07
N GLN A 36 2.12 5.99 -23.70
CA GLN A 36 1.22 7.10 -23.43
C GLN A 36 -0.21 6.77 -23.81
N LYS A 37 -0.40 6.04 -24.91
CA LYS A 37 -1.74 5.77 -25.39
C LYS A 37 -2.46 4.69 -24.59
N LEU A 38 -1.74 3.98 -23.72
CA LEU A 38 -2.34 3.08 -22.74
C LEU A 38 -2.52 3.76 -21.38
N SER A 39 -2.42 5.09 -21.31
CA SER A 39 -2.57 5.77 -20.03
C SER A 39 -3.93 5.50 -19.39
N LEU A 40 -4.96 5.20 -20.18
CA LEU A 40 -6.26 4.88 -19.61
C LEU A 40 -6.24 3.62 -18.75
N ILE A 41 -5.16 2.85 -18.72
CA ILE A 41 -5.10 1.68 -17.83
C ILE A 41 -3.81 1.71 -17.02
N HIS A 42 -3.21 2.89 -16.89
CA HIS A 42 -2.00 2.96 -16.07
C HIS A 42 -2.28 2.65 -14.61
N ALA A 43 -3.46 3.04 -14.11
CA ALA A 43 -3.83 2.65 -12.76
C ALA A 43 -3.86 1.14 -12.61
N LEU A 44 -4.26 0.43 -13.67
CA LEU A 44 -4.23 -1.04 -13.63
C LEU A 44 -2.80 -1.55 -13.52
N ALA A 45 -1.91 -1.05 -14.39
CA ALA A 45 -0.51 -1.47 -14.35
C ALA A 45 0.11 -1.20 -12.99
N GLU A 46 -0.18 -0.03 -12.41
CA GLU A 46 0.36 0.28 -11.09
C GLU A 46 -0.18 -0.67 -10.05
N GLN A 47 -1.48 -1.00 -10.14
CA GLN A 47 -2.08 -1.91 -9.19
C GLN A 47 -1.56 -3.33 -9.37
N VAL A 48 -1.17 -3.71 -10.59
CA VAL A 48 -0.58 -5.04 -10.77
C VAL A 48 0.77 -5.14 -10.07
N LYS A 49 1.60 -4.09 -10.14
CA LYS A 49 2.91 -4.18 -9.51
C LYS A 49 2.81 -4.09 -7.98
N THR A 50 1.90 -3.24 -7.48
CA THR A 50 1.74 -3.08 -6.05
C THR A 50 1.29 -4.36 -5.35
N CYS A 51 0.66 -5.29 -6.07
CA CYS A 51 0.24 -6.55 -5.47
C CYS A 51 1.02 -7.76 -5.98
N THR A 52 2.10 -7.55 -6.73
CA THR A 52 2.91 -8.66 -7.22
C THR A 52 4.35 -8.55 -6.73
N HIS A 53 5.14 -7.62 -7.28
CA HIS A 53 6.54 -7.50 -6.89
C HIS A 53 6.69 -7.18 -5.41
N ASN A 54 5.77 -6.40 -4.85
CA ASN A 54 5.79 -6.06 -3.43
C ASN A 54 4.72 -6.78 -2.62
N GLY A 55 3.58 -7.10 -3.22
CA GLY A 55 2.51 -7.78 -2.51
C GLY A 55 1.89 -6.96 -1.40
N TYR A 65 8.14 -11.59 -12.39
CA TYR A 65 8.43 -10.16 -12.48
C TYR A 65 7.47 -9.35 -11.61
N ASP A 66 6.95 -8.27 -12.17
CA ASP A 66 5.99 -7.42 -11.47
C ASP A 66 4.55 -7.73 -11.87
N GLY A 67 4.27 -8.97 -12.29
CA GLY A 67 2.95 -9.34 -12.77
C GLY A 67 2.80 -9.09 -14.26
N ARG A 68 1.56 -9.23 -14.74
CA ARG A 68 1.25 -8.98 -16.14
C ARG A 68 -0.06 -8.25 -16.27
N VAL A 69 -0.22 -7.53 -17.38
CA VAL A 69 -1.44 -6.82 -17.73
C VAL A 69 -1.89 -7.38 -19.07
N LEU A 70 -3.14 -7.85 -19.12
CA LEU A 70 -3.73 -8.38 -20.35
C LEU A 70 -4.64 -7.32 -20.97
N VAL A 71 -4.53 -7.17 -22.29
CA VAL A 71 -5.33 -6.17 -23.00
C VAL A 71 -6.00 -6.81 -24.21
N PRO A 72 -7.26 -6.47 -24.48
CA PRO A 72 -7.93 -7.03 -25.64
C PRO A 72 -7.33 -6.46 -26.92
N SER A 73 -7.06 -7.34 -27.88
CA SER A 73 -6.40 -6.94 -29.11
C SER A 73 -7.23 -7.35 -30.32
N GLY A 74 -7.02 -6.64 -31.43
CA GLY A 74 -7.60 -7.00 -32.70
C GLY A 74 -8.79 -6.16 -33.14
N TYR A 75 -9.30 -5.29 -32.28
CA TYR A 75 -10.56 -4.60 -32.55
C TYR A 75 -10.54 -3.20 -31.96
N ALA A 76 -11.18 -2.27 -32.65
CA ALA A 76 -11.39 -0.92 -32.12
C ALA A 76 -12.46 -0.98 -31.04
N ILE A 77 -12.11 -0.58 -29.82
CA ILE A 77 -12.97 -0.72 -28.66
C ILE A 77 -13.13 0.64 -28.00
N SER A 78 -14.30 0.91 -27.43
CA SER A 78 -14.48 2.13 -26.67
C SER A 78 -13.54 2.12 -25.46
N PRO A 79 -13.05 3.29 -25.03
CA PRO A 79 -12.10 3.32 -23.91
C PRO A 79 -12.63 2.64 -22.65
N GLU A 80 -13.89 2.88 -22.30
CA GLU A 80 -14.43 2.28 -21.08
C GLU A 80 -14.48 0.76 -21.19
N ASP A 81 -14.86 0.23 -22.35
CA ASP A 81 -14.88 -1.23 -22.48
C ASP A 81 -13.47 -1.79 -22.47
N PHE A 82 -12.53 -1.07 -23.10
CA PHE A 82 -11.13 -1.48 -23.06
C PHE A 82 -10.64 -1.62 -21.63
N GLN A 83 -10.94 -0.63 -20.79
CA GLN A 83 -10.53 -0.69 -19.39
C GLN A 83 -11.11 -1.92 -18.71
N SER A 84 -12.43 -2.13 -18.86
CA SER A 84 -13.10 -3.23 -18.17
C SER A 84 -12.56 -4.58 -18.62
N LEU A 85 -12.43 -4.76 -19.94
CA LEU A 85 -11.92 -6.03 -20.47
C LEU A 85 -10.48 -6.27 -20.05
N SER A 86 -9.66 -5.21 -20.02
CA SER A 86 -8.26 -5.36 -19.59
C SER A 86 -8.20 -5.81 -18.13
N GLU A 87 -8.88 -5.07 -17.24
CA GLU A 87 -8.81 -5.37 -15.82
C GLU A 87 -9.31 -6.77 -15.50
N SER A 88 -10.42 -7.18 -16.12
CA SER A 88 -10.98 -8.48 -15.79
C SER A 88 -10.06 -9.61 -16.24
N ALA A 89 -9.61 -9.55 -17.49
CA ALA A 89 -8.68 -10.57 -17.99
C ALA A 89 -7.35 -10.54 -17.23
N THR A 90 -6.91 -9.36 -16.81
CA THR A 90 -5.65 -9.24 -16.07
C THR A 90 -5.71 -9.95 -14.72
N MET A 91 -6.85 -9.81 -14.02
CA MET A 91 -7.02 -10.45 -12.73
C MET A 91 -6.96 -11.96 -12.86
N VAL A 92 -7.63 -12.50 -13.89
CA VAL A 92 -7.60 -13.94 -14.13
C VAL A 92 -6.17 -14.43 -14.34
N TYR A 93 -5.44 -13.77 -15.24
CA TYR A 93 -4.07 -14.17 -15.51
C TYR A 93 -3.21 -14.14 -14.24
N ASN A 94 -3.24 -13.03 -13.51
CA ASN A 94 -2.34 -12.89 -12.37
C ASN A 94 -2.74 -13.82 -11.23
N GLU A 95 -4.04 -14.10 -11.09
CA GLU A 95 -4.46 -15.04 -10.06
C GLU A 95 -3.91 -16.43 -10.32
N ARG A 96 -3.84 -16.82 -11.60
CA ARG A 96 -3.27 -18.11 -11.95
C ARG A 96 -1.78 -18.14 -11.69
N GLU A 97 -1.08 -17.06 -12.05
CA GLU A 97 0.34 -16.96 -11.76
C GLU A 97 0.58 -16.94 -10.25
N PHE A 98 -0.24 -16.18 -9.52
CA PHE A 98 -0.08 -16.09 -8.07
C PHE A 98 -0.20 -17.46 -7.42
N VAL A 99 -1.29 -18.18 -7.72
CA VAL A 99 -1.50 -19.50 -7.11
C VAL A 99 -0.35 -20.43 -7.47
N ASN A 100 0.02 -20.47 -8.75
CA ASN A 100 1.08 -21.39 -9.16
C ASN A 100 2.42 -21.01 -8.53
N ARG A 101 2.70 -19.72 -8.42
CA ARG A 101 3.97 -19.31 -7.80
C ARG A 101 4.00 -19.72 -6.35
N LYS A 102 2.88 -19.59 -5.65
CA LYS A 102 2.79 -20.02 -4.25
C LYS A 102 3.04 -21.52 -4.13
N LEU A 103 2.37 -22.32 -4.97
CA LEU A 103 2.62 -23.76 -4.96
C LEU A 103 4.08 -24.05 -5.30
N HIS A 104 4.63 -23.36 -6.30
CA HIS A 104 6.04 -23.55 -6.65
C HIS A 104 6.95 -23.20 -5.48
N HIS A 105 6.56 -22.22 -4.67
CA HIS A 105 7.36 -21.88 -3.50
C HIS A 105 7.35 -23.00 -2.48
N ILE A 106 6.19 -23.61 -2.25
CA ILE A 106 6.10 -24.71 -1.29
C ILE A 106 6.92 -25.89 -1.75
N ALA A 107 6.82 -26.24 -3.05
CA ALA A 107 7.52 -27.40 -3.56
C ALA A 107 9.03 -27.24 -3.51
N MET A 108 9.53 -26.02 -3.65
CA MET A 108 10.97 -25.79 -3.75
C MET A 108 11.61 -25.31 -2.45
N HIS A 109 10.90 -24.47 -1.70
CA HIS A 109 11.43 -23.91 -0.46
C HIS A 109 10.79 -24.50 0.78
N GLY A 110 9.83 -25.42 0.62
CA GLY A 110 9.14 -26.00 1.74
C GLY A 110 8.06 -25.09 2.27
N PRO A 111 7.07 -25.68 2.95
CA PRO A 111 5.94 -24.89 3.43
C PRO A 111 6.34 -23.87 4.49
N ALA A 112 5.57 -22.79 4.55
CA ALA A 112 5.71 -21.80 5.62
C ALA A 112 4.87 -22.25 6.80
N LEU A 113 5.52 -22.64 7.89
CA LEU A 113 4.83 -22.98 9.13
C LEU A 113 4.59 -21.72 9.95
N ASN A 114 3.47 -21.68 10.66
CA ASN A 114 2.48 -22.76 10.71
C ASN A 114 1.21 -22.31 10.01
N THR A 115 1.16 -22.48 8.70
CA THR A 115 0.05 -22.00 7.89
C THR A 115 -0.61 -23.19 7.20
N ASP A 116 -1.55 -22.90 6.30
CA ASP A 116 -2.15 -23.96 5.51
C ASP A 116 -1.22 -24.47 4.43
N GLU A 117 -0.12 -23.73 4.15
CA GLU A 117 0.93 -24.26 3.29
C GLU A 117 1.40 -25.63 3.74
N GLU A 118 1.32 -25.91 5.04
CA GLU A 118 1.76 -27.18 5.58
C GLU A 118 0.84 -28.34 5.20
N SER A 119 -0.42 -28.07 4.89
CA SER A 119 -1.33 -29.16 4.50
C SER A 119 -1.08 -29.68 3.08
N TYR A 120 -0.16 -29.07 2.33
CA TYR A 120 0.21 -29.61 1.03
C TYR A 120 1.25 -30.70 1.19
N GLU A 121 1.27 -31.64 0.24
CA GLU A 121 2.16 -32.79 0.29
C GLU A 121 2.87 -32.94 -1.04
N LEU A 122 4.21 -32.93 -1.00
CA LEU A 122 4.98 -33.32 -2.17
C LEU A 122 4.87 -34.82 -2.33
N VAL A 123 4.40 -35.27 -3.49
CA VAL A 123 4.07 -36.66 -3.73
C VAL A 123 4.49 -37.01 -5.15
N ARG A 124 4.62 -38.30 -5.42
CA ARG A 124 4.86 -38.78 -6.77
C ARG A 124 3.52 -38.94 -7.49
N ALA A 125 3.47 -38.51 -8.76
CA ALA A 125 2.19 -38.41 -9.45
C ALA A 125 1.51 -39.76 -9.57
N GLU A 126 2.27 -40.85 -9.63
CA GLU A 126 1.69 -42.18 -9.76
C GLU A 126 1.24 -42.77 -8.42
N ARG A 127 1.63 -42.17 -7.29
CA ARG A 127 1.28 -42.68 -5.97
C ARG A 127 0.16 -41.91 -5.29
N THR A 128 -0.36 -40.86 -5.92
CA THR A 128 -1.48 -40.10 -5.39
C THR A 128 -2.76 -40.49 -6.13
N GLU A 129 -3.90 -40.21 -5.48
CA GLU A 129 -5.22 -40.40 -6.07
C GLU A 129 -5.98 -39.12 -6.30
N HIS A 130 -5.36 -37.99 -6.00
CA HIS A 130 -5.94 -36.72 -6.36
C HIS A 130 -6.14 -36.66 -7.87
N GLU A 131 -7.31 -36.18 -8.27
CA GLU A 131 -7.60 -36.06 -9.69
C GLU A 131 -6.73 -35.00 -10.34
N TYR A 132 -6.58 -33.87 -9.68
CA TYR A 132 -5.76 -32.78 -10.18
C TYR A 132 -4.60 -32.57 -9.23
N VAL A 133 -3.57 -31.92 -9.75
CA VAL A 133 -2.23 -32.04 -9.19
C VAL A 133 -1.44 -30.81 -9.64
N TYR A 134 -0.51 -30.35 -8.79
CA TYR A 134 0.43 -29.31 -9.21
C TYR A 134 1.73 -29.96 -9.67
N ASP A 135 2.09 -29.76 -10.94
CA ASP A 135 3.30 -30.34 -11.52
C ASP A 135 4.46 -29.36 -11.38
N VAL A 136 5.51 -29.77 -10.66
CA VAL A 136 6.60 -28.85 -10.38
C VAL A 136 7.50 -28.60 -11.58
N ASP A 137 7.54 -29.54 -12.54
CA ASP A 137 8.35 -29.33 -13.74
C ASP A 137 7.64 -28.45 -14.75
N GLN A 138 6.32 -28.62 -14.90
CA GLN A 138 5.57 -27.75 -15.79
C GLN A 138 5.23 -26.41 -15.14
N ARG A 139 5.36 -26.31 -13.82
CA ARG A 139 4.99 -25.09 -13.08
C ARG A 139 3.51 -24.73 -13.29
N ARG A 140 2.63 -25.73 -13.26
CA ARG A 140 1.20 -25.49 -13.39
C ARG A 140 0.44 -26.69 -12.85
N CYS A 141 -0.85 -26.50 -12.61
CA CYS A 141 -1.71 -27.59 -12.19
C CYS A 141 -2.29 -28.32 -13.39
N CYS A 142 -2.45 -29.63 -13.24
CA CYS A 142 -2.89 -30.49 -14.32
C CYS A 142 -3.57 -31.73 -13.74
N LYS A 143 -4.26 -32.46 -14.60
CA LYS A 143 -4.73 -33.78 -14.20
C LYS A 143 -3.54 -34.67 -13.84
N LYS A 144 -3.75 -35.57 -12.88
CA LYS A 144 -2.69 -36.42 -12.38
C LYS A 144 -1.98 -37.15 -13.52
N GLU A 145 -2.73 -37.63 -14.51
CA GLU A 145 -2.12 -38.40 -15.58
C GLU A 145 -1.30 -37.53 -16.54
N GLU A 146 -1.42 -36.20 -16.46
CA GLU A 146 -0.55 -35.33 -17.25
C GLU A 146 0.81 -35.11 -16.60
N ALA A 147 0.97 -35.46 -15.33
CA ALA A 147 2.21 -35.15 -14.63
C ALA A 147 3.12 -36.37 -14.60
N ALA A 148 4.41 -36.10 -14.53
CA ALA A 148 5.43 -37.14 -14.45
C ALA A 148 6.38 -36.77 -13.33
N GLY A 149 6.40 -37.58 -12.29
CA GLY A 149 7.36 -37.42 -11.21
C GLY A 149 6.77 -36.64 -10.05
N LEU A 150 7.48 -35.61 -9.60
CA LEU A 150 7.17 -34.95 -8.36
C LEU A 150 6.06 -33.94 -8.55
N VAL A 151 5.05 -34.00 -7.68
CA VAL A 151 3.91 -33.12 -7.76
C VAL A 151 3.50 -32.70 -6.36
N LEU A 152 2.86 -31.54 -6.26
CA LEU A 152 2.32 -31.02 -5.03
C LEU A 152 0.81 -31.14 -5.04
N VAL A 153 0.24 -31.57 -3.92
CA VAL A 153 -1.18 -31.87 -3.86
C VAL A 153 -1.78 -31.20 -2.62
N GLY A 154 -2.91 -30.54 -2.79
CA GLY A 154 -3.57 -29.87 -1.70
C GLY A 154 -4.84 -29.21 -2.18
N ASP A 155 -5.36 -28.26 -1.40
CA ASP A 155 -6.70 -27.75 -1.66
C ASP A 155 -6.76 -26.87 -2.90
N LEU A 156 -5.77 -25.99 -3.09
CA LEU A 156 -5.73 -25.14 -4.28
C LEU A 156 -5.60 -25.95 -5.57
N THR A 157 -5.13 -27.18 -5.50
CA THR A 157 -5.03 -28.04 -6.67
C THR A 157 -6.23 -28.96 -6.83
N ASN A 158 -7.30 -28.77 -6.05
CA ASN A 158 -8.33 -29.80 -5.88
C ASN A 158 -9.73 -29.19 -5.81
N PRO A 159 -10.30 -28.76 -6.96
CA PRO A 159 -9.71 -28.70 -8.31
C PRO A 159 -9.01 -27.36 -8.53
N PRO A 160 -8.23 -27.22 -9.60
CA PRO A 160 -7.51 -25.95 -9.80
C PRO A 160 -8.32 -24.93 -10.58
N TYR A 161 -9.30 -24.33 -9.89
CA TYR A 161 -10.13 -23.29 -10.50
C TYR A 161 -9.28 -22.23 -11.19
N HIS A 162 -8.13 -21.90 -10.61
CA HIS A 162 -7.31 -20.85 -11.19
C HIS A 162 -6.82 -21.25 -12.58
N GLU A 163 -6.55 -22.54 -12.80
CA GLU A 163 -6.13 -23.00 -14.13
C GLU A 163 -7.30 -23.04 -15.10
N PHE A 164 -8.46 -23.49 -14.62
CA PHE A 164 -9.67 -23.46 -15.44
C PHE A 164 -9.93 -22.06 -15.97
N ALA A 165 -9.90 -21.06 -15.08
CA ALA A 165 -10.18 -19.70 -15.51
C ALA A 165 -9.13 -19.20 -16.49
N TYR A 166 -7.87 -19.58 -16.28
CA TYR A 166 -6.82 -19.19 -17.21
C TYR A 166 -7.07 -19.76 -18.60
N GLU A 167 -7.35 -21.06 -18.68
CA GLU A 167 -7.63 -21.68 -19.97
C GLU A 167 -8.80 -21.01 -20.67
N GLY A 168 -9.82 -20.58 -19.91
CA GLY A 168 -10.94 -19.87 -20.49
C GLY A 168 -10.55 -18.57 -21.19
N LEU A 169 -9.41 -17.98 -20.80
CA LEU A 169 -8.96 -16.77 -21.48
C LEU A 169 -8.68 -17.02 -22.95
N LYS A 170 -8.32 -18.26 -23.31
CA LYS A 170 -8.03 -18.58 -24.70
C LYS A 170 -9.23 -18.42 -25.61
N ILE A 171 -10.46 -18.43 -25.06
CA ILE A 171 -11.63 -18.21 -25.90
C ILE A 171 -12.39 -16.95 -25.51
N ARG A 172 -11.84 -16.15 -24.62
CA ARG A 172 -12.57 -14.97 -24.18
C ARG A 172 -12.64 -13.94 -25.30
N PRO A 173 -13.83 -13.45 -25.65
CA PRO A 173 -13.92 -12.42 -26.69
C PRO A 173 -13.16 -11.16 -26.29
N ALA A 174 -12.62 -10.50 -27.29
CA ALA A 174 -11.88 -9.26 -27.13
C ALA A 174 -12.60 -8.05 -27.70
N CYS A 175 -13.81 -8.23 -28.25
CA CYS A 175 -14.51 -7.11 -28.86
C CYS A 175 -15.91 -7.11 -28.31
N PRO A 176 -16.34 -6.06 -27.61
CA PRO A 176 -17.71 -6.05 -27.06
C PRO A 176 -18.75 -6.22 -28.15
N TYR A 177 -19.91 -6.73 -27.74
CA TYR A 177 -21.04 -6.98 -28.64
C TYR A 177 -22.09 -5.92 -28.36
N LYS A 178 -22.47 -5.16 -29.38
CA LYS A 178 -23.38 -4.04 -29.20
C LYS A 178 -24.82 -4.53 -29.10
N ILE A 179 -25.48 -4.24 -27.98
CA ILE A 179 -26.83 -4.71 -27.73
C ILE A 179 -27.37 -3.96 -26.51
N ALA A 180 -28.70 -3.89 -26.40
CA ALA A 180 -29.32 -3.28 -25.23
C ALA A 180 -29.01 -4.13 -24.00
N VAL A 181 -28.66 -3.46 -22.90
CA VAL A 181 -28.29 -4.13 -21.64
C VAL A 181 -29.12 -3.49 -20.54
N ILE A 182 -30.16 -4.19 -20.09
CA ILE A 182 -31.06 -3.72 -19.03
C ILE A 182 -30.56 -4.25 -17.69
N GLY A 183 -30.32 -3.34 -16.75
CA GLY A 183 -29.97 -3.72 -15.38
C GLY A 183 -31.17 -3.62 -14.47
N VAL A 184 -31.42 -4.70 -13.73
CA VAL A 184 -32.42 -4.71 -12.67
C VAL A 184 -31.66 -4.94 -11.38
N PHE A 185 -31.44 -3.86 -10.63
CA PHE A 185 -30.69 -3.91 -9.40
C PHE A 185 -31.62 -3.68 -8.23
N GLY A 186 -31.28 -4.23 -7.07
CA GLY A 186 -32.09 -3.91 -5.92
C GLY A 186 -31.89 -4.87 -4.77
N VAL A 187 -32.70 -4.63 -3.74
CA VAL A 187 -32.56 -5.20 -2.42
C VAL A 187 -32.79 -6.71 -2.42
N PRO A 188 -32.32 -7.42 -1.41
CA PRO A 188 -32.48 -8.88 -1.38
C PRO A 188 -33.95 -9.27 -1.36
N GLY A 189 -34.26 -10.38 -2.05
CA GLY A 189 -35.61 -10.93 -2.00
C GLY A 189 -36.70 -10.11 -2.67
N SER A 190 -36.34 -9.17 -3.55
CA SER A 190 -37.32 -8.27 -4.17
C SER A 190 -37.92 -8.79 -5.46
N GLY A 191 -37.50 -9.97 -5.93
CA GLY A 191 -38.06 -10.53 -7.14
C GLY A 191 -37.23 -10.34 -8.40
N LYS A 192 -35.95 -9.99 -8.27
CA LYS A 192 -35.10 -9.88 -9.45
C LYS A 192 -34.99 -11.22 -10.15
N SER A 193 -34.72 -12.28 -9.40
CA SER A 193 -34.63 -13.60 -10.00
C SER A 193 -36.01 -14.10 -10.43
N ALA A 194 -37.08 -13.65 -9.76
CA ALA A 194 -38.42 -14.06 -10.18
C ALA A 194 -38.71 -13.59 -11.58
N ILE A 195 -38.21 -12.40 -11.94
CA ILE A 195 -38.34 -11.87 -13.30
C ILE A 195 -37.74 -12.83 -14.31
N ILE A 196 -36.54 -13.32 -14.03
CA ILE A 196 -35.93 -14.26 -14.96
C ILE A 196 -36.76 -15.53 -15.04
N LYS A 197 -37.15 -16.08 -13.90
CA LYS A 197 -37.94 -17.31 -13.91
C LYS A 197 -39.27 -17.10 -14.62
N ASN A 198 -39.84 -15.90 -14.54
CA ASN A 198 -41.17 -15.68 -15.11
C ASN A 198 -41.12 -15.45 -16.62
N LEU A 199 -40.01 -14.90 -17.15
CA LEU A 199 -39.94 -14.49 -18.55
C LEU A 199 -39.14 -15.45 -19.44
N VAL A 200 -38.27 -16.29 -18.85
CA VAL A 200 -37.37 -17.08 -19.67
C VAL A 200 -38.15 -18.02 -20.59
N THR A 201 -37.72 -18.11 -21.84
CA THR A 201 -38.18 -19.10 -22.81
C THR A 201 -37.04 -20.02 -23.20
N ARG A 202 -37.37 -21.13 -23.88
CA ARG A 202 -36.34 -22.07 -24.30
C ARG A 202 -35.44 -21.49 -25.39
N GLN A 203 -35.81 -20.37 -26.00
CA GLN A 203 -34.95 -19.69 -26.95
C GLN A 203 -33.97 -18.73 -26.27
N ASP A 204 -34.12 -18.53 -24.96
CA ASP A 204 -33.24 -17.65 -24.20
C ASP A 204 -32.12 -18.46 -23.56
N LEU A 205 -31.22 -17.74 -22.87
CA LEU A 205 -30.17 -18.35 -22.07
C LEU A 205 -30.15 -17.67 -20.71
N VAL A 206 -30.24 -18.47 -19.65
CA VAL A 206 -30.12 -17.97 -18.28
C VAL A 206 -28.73 -18.33 -17.77
N THR A 207 -27.98 -17.31 -17.35
CA THR A 207 -26.72 -17.51 -16.66
C THR A 207 -26.84 -16.94 -15.25
N SER A 208 -25.96 -17.40 -14.38
CA SER A 208 -25.94 -16.94 -13.00
C SER A 208 -24.50 -16.80 -12.53
N GLY A 209 -24.20 -15.69 -11.85
CA GLY A 209 -22.94 -15.58 -11.15
C GLY A 209 -22.75 -16.58 -10.03
N LYS A 210 -23.81 -17.24 -9.58
CA LYS A 210 -23.74 -18.16 -8.46
C LYS A 210 -24.21 -19.55 -8.87
N LYS A 211 -23.55 -20.57 -8.35
CA LYS A 211 -23.82 -21.94 -8.77
C LYS A 211 -25.13 -22.48 -8.20
N GLU A 212 -25.32 -22.38 -6.88
CA GLU A 212 -26.56 -22.93 -6.30
C GLU A 212 -27.79 -22.19 -6.82
N ASN A 213 -27.67 -20.89 -7.06
CA ASN A 213 -28.74 -20.11 -7.66
C ASN A 213 -29.18 -20.69 -9.01
N CYS A 214 -28.24 -21.27 -9.78
CA CYS A 214 -28.59 -21.92 -11.05
C CYS A 214 -29.63 -23.00 -10.85
N GLN A 215 -29.39 -23.87 -9.89
CA GLN A 215 -30.30 -25.00 -9.65
C GLN A 215 -31.63 -24.51 -9.13
N GLU A 216 -31.61 -23.47 -8.31
CA GLU A 216 -32.87 -22.87 -7.87
C GLU A 216 -33.69 -22.38 -9.05
N ILE A 217 -33.04 -21.76 -10.04
CA ILE A 217 -33.75 -21.26 -11.22
C ILE A 217 -34.37 -22.42 -12.00
N THR A 218 -33.55 -23.40 -12.39
CA THR A 218 -34.08 -24.47 -13.24
C THR A 218 -35.22 -25.20 -12.55
N THR A 219 -35.07 -25.47 -11.24
CA THR A 219 -36.11 -26.16 -10.49
C THR A 219 -37.38 -25.31 -10.39
N ASP A 220 -37.23 -24.01 -10.09
CA ASP A 220 -38.42 -23.17 -9.92
C ASP A 220 -39.15 -22.97 -11.24
N VAL A 221 -38.41 -22.83 -12.34
CA VAL A 221 -39.05 -22.71 -13.64
C VAL A 221 -39.83 -23.97 -13.98
N MET A 222 -39.27 -25.15 -13.65
CA MET A 222 -40.00 -26.37 -13.89
C MET A 222 -41.23 -26.48 -12.98
N ARG A 223 -41.06 -26.19 -11.69
CA ARG A 223 -42.18 -26.36 -10.76
C ARG A 223 -43.29 -25.33 -11.02
N GLN A 224 -42.91 -24.09 -11.36
CA GLN A 224 -43.89 -23.01 -11.50
C GLN A 224 -44.48 -22.90 -12.90
N ARG A 225 -43.71 -23.22 -13.94
CA ARG A 225 -44.17 -23.00 -15.30
C ARG A 225 -44.11 -24.24 -16.17
N GLY A 226 -43.69 -25.38 -15.61
CA GLY A 226 -43.69 -26.63 -16.34
C GLY A 226 -42.72 -26.66 -17.49
N LEU A 227 -41.71 -25.79 -17.44
CA LEU A 227 -40.81 -25.56 -18.57
C LEU A 227 -39.43 -26.06 -18.18
N GLU A 228 -38.86 -26.90 -19.01
CA GLU A 228 -37.50 -27.40 -18.79
C GLU A 228 -36.54 -26.43 -19.46
N ILE A 229 -35.72 -25.78 -18.65
CA ILE A 229 -34.62 -24.96 -19.14
C ILE A 229 -33.35 -25.49 -18.50
N SER A 230 -32.22 -24.97 -18.95
CA SER A 230 -30.95 -25.28 -18.30
C SER A 230 -30.21 -23.97 -18.08
N ALA A 231 -30.17 -23.52 -16.82
CA ALA A 231 -29.38 -22.38 -16.41
C ALA A 231 -27.95 -22.81 -16.15
N ARG A 232 -27.00 -21.97 -16.54
CA ARG A 232 -25.58 -22.26 -16.37
C ARG A 232 -24.90 -21.12 -15.64
N THR A 233 -23.82 -21.43 -14.95
CA THR A 233 -23.05 -20.35 -14.34
C THR A 233 -22.35 -19.53 -15.42
N VAL A 234 -22.05 -18.28 -15.06
CA VAL A 234 -21.24 -17.43 -15.93
C VAL A 234 -19.94 -18.13 -16.27
N ASP A 235 -19.29 -18.71 -15.25
CA ASP A 235 -18.01 -19.40 -15.48
C ASP A 235 -18.14 -20.54 -16.49
N SER A 236 -19.24 -21.30 -16.39
CA SER A 236 -19.45 -22.43 -17.30
C SER A 236 -19.53 -21.93 -18.75
N LEU A 237 -20.26 -20.83 -18.97
CA LEU A 237 -20.37 -20.25 -20.30
C LEU A 237 -19.04 -19.69 -20.78
N LEU A 238 -18.40 -18.84 -19.99
CA LEU A 238 -17.07 -18.36 -20.36
C LEU A 238 -16.09 -19.49 -20.58
N LEU A 239 -16.18 -20.55 -19.75
CA LEU A 239 -15.13 -21.58 -19.86
C LEU A 239 -15.54 -22.61 -20.90
N ASN A 240 -16.79 -22.62 -21.31
CA ASN A 240 -17.13 -23.60 -22.25
C ASN A 240 -17.83 -23.11 -23.51
N GLY A 241 -18.15 -21.85 -23.62
CA GLY A 241 -18.74 -21.32 -24.83
C GLY A 241 -20.24 -21.60 -24.96
N CYS A 242 -20.83 -21.01 -26.01
CA CYS A 242 -22.27 -21.04 -26.23
C CYS A 242 -22.50 -21.52 -27.66
N ASN A 243 -23.09 -22.70 -27.82
CA ASN A 243 -23.18 -23.32 -29.13
C ASN A 243 -24.62 -23.40 -29.62
N ARG A 244 -25.39 -22.34 -29.43
CA ARG A 244 -26.76 -22.25 -29.96
C ARG A 244 -27.17 -20.78 -30.00
N PRO A 245 -28.05 -20.40 -30.93
CA PRO A 245 -28.54 -19.02 -30.96
C PRO A 245 -29.37 -18.70 -29.73
N VAL A 246 -29.33 -17.43 -29.32
CA VAL A 246 -29.96 -16.96 -28.09
C VAL A 246 -30.72 -15.68 -28.38
N ASP A 247 -31.97 -15.61 -27.89
CA ASP A 247 -32.77 -14.38 -28.01
C ASP A 247 -32.45 -13.40 -26.91
N VAL A 248 -32.83 -13.69 -25.68
CA VAL A 248 -32.49 -12.86 -24.52
C VAL A 248 -31.46 -13.60 -23.69
N LEU A 249 -30.41 -12.90 -23.29
CA LEU A 249 -29.48 -13.38 -22.27
C LEU A 249 -29.86 -12.80 -20.92
N TYR A 250 -30.21 -13.66 -19.98
CA TYR A 250 -30.43 -13.28 -18.59
C TYR A 250 -29.18 -13.60 -17.80
N VAL A 251 -28.70 -12.66 -17.01
CA VAL A 251 -27.58 -12.88 -16.12
C VAL A 251 -28.08 -12.62 -14.70
N ASP A 252 -28.26 -13.68 -13.92
CA ASP A 252 -28.61 -13.52 -12.51
C ASP A 252 -27.35 -13.38 -11.66
N GLU A 253 -27.50 -12.75 -10.49
CA GLU A 253 -26.40 -12.38 -9.61
C GLU A 253 -25.25 -11.75 -10.40
N ALA A 254 -25.63 -10.83 -11.31
CA ALA A 254 -24.67 -10.26 -12.24
C ALA A 254 -23.58 -9.47 -11.53
N PHE A 255 -23.87 -8.91 -10.36
CA PHE A 255 -22.89 -8.12 -9.64
C PHE A 255 -21.87 -8.97 -8.91
N ALA A 256 -22.03 -10.28 -8.93
CA ALA A 256 -20.94 -11.14 -8.50
C ALA A 256 -19.79 -11.18 -9.50
N CYS A 257 -19.96 -10.62 -10.71
CA CYS A 257 -18.92 -10.63 -11.73
C CYS A 257 -18.46 -9.21 -12.05
N HIS A 258 -17.18 -9.10 -12.38
CA HIS A 258 -16.65 -7.86 -12.94
C HIS A 258 -17.35 -7.51 -14.25
N SER A 259 -17.49 -6.20 -14.49
CA SER A 259 -18.12 -5.70 -15.72
C SER A 259 -17.44 -6.23 -16.99
N GLY A 260 -16.13 -6.38 -16.97
CA GLY A 260 -15.47 -6.86 -18.17
C GLY A 260 -15.73 -8.33 -18.41
N THR A 261 -15.91 -9.09 -17.32
CA THR A 261 -16.38 -10.46 -17.44
C THR A 261 -17.76 -10.50 -18.08
N LEU A 262 -18.68 -9.63 -17.63
CA LEU A 262 -20.01 -9.58 -18.23
C LEU A 262 -19.93 -9.20 -19.70
N LEU A 263 -19.11 -8.20 -20.06
CA LEU A 263 -18.94 -7.87 -21.48
C LEU A 263 -18.47 -9.08 -22.26
N ALA A 264 -17.52 -9.85 -21.70
CA ALA A 264 -16.99 -11.01 -22.41
C ALA A 264 -18.07 -12.08 -22.57
N LEU A 265 -18.90 -12.24 -21.54
CA LEU A 265 -20.01 -13.18 -21.61
C LEU A 265 -21.01 -12.77 -22.68
N ILE A 266 -21.34 -11.47 -22.75
CA ILE A 266 -22.31 -10.99 -23.74
C ILE A 266 -21.79 -11.23 -25.15
N ALA A 267 -20.52 -10.92 -25.39
CA ALA A 267 -19.94 -11.14 -26.72
C ALA A 267 -19.79 -12.62 -27.04
N LEU A 268 -19.71 -13.47 -26.02
CA LEU A 268 -19.67 -14.91 -26.26
C LEU A 268 -21.04 -15.43 -26.65
N VAL A 269 -22.10 -14.89 -26.04
CA VAL A 269 -23.45 -15.38 -26.26
C VAL A 269 -24.08 -14.75 -27.51
N ARG A 270 -23.81 -13.46 -27.75
CA ARG A 270 -24.34 -12.73 -28.89
C ARG A 270 -25.87 -12.83 -28.95
N PRO A 271 -26.57 -12.44 -27.88
CA PRO A 271 -28.04 -12.54 -27.89
C PRO A 271 -28.64 -11.68 -28.98
N ARG A 272 -29.70 -12.18 -29.59
CA ARG A 272 -30.28 -11.48 -30.74
C ARG A 272 -31.15 -10.30 -30.33
N GLN A 273 -31.67 -10.29 -29.11
CA GLN A 273 -32.64 -9.29 -28.68
C GLN A 273 -32.08 -8.34 -27.63
N LYS A 274 -31.68 -8.84 -26.46
CA LYS A 274 -31.23 -7.95 -25.41
C LYS A 274 -30.57 -8.76 -24.31
N VAL A 275 -29.96 -8.05 -23.38
CA VAL A 275 -29.37 -8.61 -22.16
C VAL A 275 -30.12 -8.02 -20.97
N VAL A 276 -30.46 -8.88 -20.01
CA VAL A 276 -31.04 -8.45 -18.75
C VAL A 276 -30.10 -8.93 -17.63
N LEU A 277 -29.56 -7.98 -16.87
CA LEU A 277 -28.75 -8.27 -15.70
C LEU A 277 -29.57 -8.04 -14.44
N CYS A 278 -29.52 -9.00 -13.52
CA CYS A 278 -30.23 -8.93 -12.24
C CYS A 278 -29.18 -9.08 -11.16
N GLY A 279 -29.20 -8.20 -10.16
CA GLY A 279 -28.18 -8.33 -9.13
C GLY A 279 -28.26 -7.26 -8.08
N ASP A 280 -27.33 -7.34 -7.14
CA ASP A 280 -27.27 -6.43 -6.00
C ASP A 280 -25.80 -6.21 -5.63
N PRO A 281 -25.24 -5.05 -5.93
CA PRO A 281 -23.83 -4.79 -5.58
C PRO A 281 -23.56 -4.83 -4.08
N LYS A 282 -24.57 -4.81 -3.23
CA LYS A 282 -24.34 -4.90 -1.79
C LYS A 282 -24.25 -6.33 -1.28
N GLN A 283 -24.49 -7.32 -2.16
CA GLN A 283 -24.23 -8.71 -1.77
C GLN A 283 -22.82 -9.08 -2.23
N CYS A 284 -22.49 -10.38 -2.17
CA CYS A 284 -21.13 -10.80 -2.48
C CYS A 284 -20.80 -10.51 -3.94
N GLY A 285 -19.65 -9.90 -4.16
CA GLY A 285 -19.10 -9.69 -5.49
C GLY A 285 -18.03 -10.71 -5.81
N PHE A 286 -17.24 -10.40 -6.83
CA PHE A 286 -16.04 -11.16 -7.11
C PHE A 286 -14.95 -10.65 -6.19
N PHE A 287 -14.15 -11.58 -5.68
CA PHE A 287 -12.96 -11.19 -4.94
C PHE A 287 -11.74 -11.51 -5.78
N ASN A 288 -10.72 -10.71 -5.61
CA ASN A 288 -9.40 -10.99 -6.16
CA ASN A 288 -9.40 -11.00 -6.16
C ASN A 288 -8.54 -11.51 -5.02
N MET A 289 -8.01 -12.73 -5.17
CA MET A 289 -7.21 -13.29 -4.09
C MET A 289 -5.95 -12.46 -3.82
N MET A 290 -5.54 -11.63 -4.78
CA MET A 290 -4.43 -10.72 -4.56
C MET A 290 -4.88 -9.40 -3.95
N GLN A 291 -6.18 -9.22 -3.76
CA GLN A 291 -6.76 -7.99 -3.21
C GLN A 291 -6.22 -6.75 -3.93
N MET A 292 -6.19 -6.85 -5.26
CA MET A 292 -5.87 -5.69 -6.09
C MET A 292 -7.01 -4.68 -6.03
N LYS A 293 -6.65 -3.41 -5.96
CA LYS A 293 -7.65 -2.35 -6.08
C LYS A 293 -8.27 -2.41 -7.47
N VAL A 294 -9.60 -2.41 -7.52
CA VAL A 294 -10.32 -2.49 -8.78
C VAL A 294 -10.69 -1.08 -9.22
N ASN A 295 -10.35 -0.73 -10.46
CA ASN A 295 -10.58 0.62 -10.97
C ASN A 295 -11.62 0.70 -12.08
N TYR A 296 -11.89 -0.38 -12.80
CA TYR A 296 -12.64 -0.27 -14.05
C TYR A 296 -13.84 -1.20 -14.05
N ASN A 297 -14.50 -1.35 -12.92
CA ASN A 297 -15.75 -2.10 -12.83
C ASN A 297 -16.92 -1.18 -13.19
N HIS A 298 -16.94 -0.78 -14.46
CA HIS A 298 -17.87 0.26 -14.94
C HIS A 298 -19.29 -0.28 -15.08
N ASN A 299 -20.25 0.65 -15.09
CA ASN A 299 -21.61 0.31 -15.46
C ASN A 299 -21.68 0.05 -16.96
N ILE A 300 -22.26 -1.10 -17.34
CA ILE A 300 -22.38 -1.45 -18.75
C ILE A 300 -23.83 -1.44 -19.23
N CYS A 301 -24.78 -1.07 -18.36
CA CYS A 301 -26.20 -1.11 -18.73
C CYS A 301 -26.58 0.11 -19.56
N THR A 302 -27.49 -0.09 -20.50
CA THR A 302 -28.07 1.04 -21.24
C THR A 302 -29.34 1.58 -20.59
N GLN A 303 -30.01 0.77 -19.75
CA GLN A 303 -31.09 1.21 -18.89
C GLN A 303 -30.91 0.52 -17.54
N VAL A 304 -31.25 1.23 -16.46
CA VAL A 304 -31.15 0.70 -15.11
C VAL A 304 -32.47 0.94 -14.38
N TYR A 305 -33.00 -0.12 -13.75
CA TYR A 305 -34.15 -0.04 -12.86
C TYR A 305 -33.73 -0.49 -11.46
N HIS A 306 -34.42 0.02 -10.44
N HIS A 306 -34.42 0.02 -10.44
CA HIS A 306 -34.10 -0.28 -9.06
CA HIS A 306 -34.08 -0.29 -9.05
C HIS A 306 -35.31 -0.87 -8.35
C HIS A 306 -35.28 -0.82 -8.31
N LYS A 307 -35.07 -1.85 -7.49
CA LYS A 307 -36.10 -2.41 -6.61
C LYS A 307 -35.72 -2.13 -5.16
N SER A 308 -36.65 -1.55 -4.41
CA SER A 308 -36.40 -1.27 -3.01
C SER A 308 -37.26 -2.08 -2.05
N ILE A 309 -38.24 -2.82 -2.54
CA ILE A 309 -39.18 -3.56 -1.70
C ILE A 309 -38.89 -5.06 -1.84
N SER A 310 -38.53 -5.70 -0.73
CA SER A 310 -38.39 -7.14 -0.69
C SER A 310 -39.74 -7.82 -0.53
N ARG A 311 -39.85 -9.04 -1.03
CA ARG A 311 -40.93 -9.93 -0.66
C ARG A 311 -40.52 -10.99 0.34
N ARG A 312 -39.24 -11.37 0.37
CA ARG A 312 -38.81 -12.51 1.17
C ARG A 312 -38.43 -12.15 2.60
N CYS A 313 -37.66 -11.08 2.77
CA CYS A 313 -36.93 -10.89 4.01
C CYS A 313 -37.84 -10.46 5.15
N THR A 314 -37.56 -11.02 6.32
CA THR A 314 -38.36 -10.74 7.50
C THR A 314 -38.15 -9.29 7.94
N LEU A 315 -39.09 -8.79 8.74
CA LEU A 315 -38.96 -7.43 9.26
C LEU A 315 -37.71 -7.24 10.11
N PRO A 316 -37.39 -8.11 11.08
CA PRO A 316 -36.13 -7.91 11.84
C PRO A 316 -34.90 -7.90 10.94
N VAL A 317 -34.83 -8.80 9.96
CA VAL A 317 -33.67 -8.81 9.09
C VAL A 317 -33.67 -7.57 8.20
N THR A 318 -34.85 -7.21 7.64
CA THR A 318 -34.89 -6.04 6.77
C THR A 318 -34.43 -4.79 7.53
N ALA A 319 -34.91 -4.63 8.77
CA ALA A 319 -34.47 -3.50 9.58
C ALA A 319 -32.95 -3.44 9.69
N ILE A 320 -32.29 -4.59 9.84
CA ILE A 320 -30.85 -4.59 10.01
C ILE A 320 -30.15 -4.22 8.71
N VAL A 321 -30.43 -4.94 7.61
CA VAL A 321 -29.65 -4.70 6.40
C VAL A 321 -30.10 -3.44 5.67
N SER A 322 -31.39 -3.07 5.74
CA SER A 322 -31.79 -1.75 5.24
C SER A 322 -30.90 -0.66 5.80
N SER A 323 -30.67 -0.69 7.12
CA SER A 323 -29.93 0.39 7.76
C SER A 323 -28.44 0.32 7.41
N LEU A 324 -27.88 -0.89 7.39
CA LEU A 324 -26.44 -1.03 7.16
C LEU A 324 -26.07 -0.76 5.71
N HIS A 325 -26.86 -1.28 4.77
CA HIS A 325 -26.42 -1.40 3.39
C HIS A 325 -27.25 -0.64 2.38
N TYR A 326 -28.51 -0.35 2.66
CA TYR A 326 -29.41 0.18 1.66
C TYR A 326 -29.94 1.56 2.08
N GLU A 327 -29.18 2.28 2.93
CA GLU A 327 -29.49 3.65 3.36
C GLU A 327 -30.91 3.77 3.90
N GLY A 328 -31.40 2.73 4.55
CA GLY A 328 -32.73 2.71 5.12
C GLY A 328 -33.85 2.71 4.10
N LYS A 329 -33.54 2.59 2.81
CA LYS A 329 -34.56 2.65 1.78
C LYS A 329 -35.22 1.30 1.51
N MET A 330 -34.65 0.21 2.01
CA MET A 330 -35.19 -1.13 1.77
C MET A 330 -36.38 -1.40 2.68
N ARG A 331 -37.45 -1.92 2.10
CA ARG A 331 -38.62 -2.33 2.87
C ARG A 331 -38.97 -3.76 2.47
N THR A 332 -39.93 -4.34 3.19
CA THR A 332 -40.37 -5.70 2.88
C THR A 332 -41.88 -5.82 3.07
N THR A 333 -42.47 -6.71 2.29
CA THR A 333 -43.88 -7.05 2.43
C THR A 333 -44.11 -8.22 3.37
N ASN A 334 -43.03 -8.88 3.81
CA ASN A 334 -43.14 -9.99 4.74
C ASN A 334 -43.58 -9.49 6.12
N GLU A 335 -44.63 -10.11 6.66
CA GLU A 335 -45.12 -9.75 7.98
C GLU A 335 -44.41 -10.47 9.12
N TYR A 336 -43.57 -11.45 8.81
CA TYR A 336 -42.87 -12.20 9.85
C TYR A 336 -42.03 -11.24 10.68
N ASN A 337 -42.27 -11.24 11.99
CA ASN A 337 -41.61 -10.30 12.89
C ASN A 337 -41.29 -10.95 14.23
N LYS A 338 -41.06 -12.27 14.23
CA LYS A 338 -40.59 -12.93 15.43
C LYS A 338 -39.12 -12.58 15.65
N PRO A 339 -38.67 -12.52 16.90
CA PRO A 339 -37.28 -12.13 17.15
C PRO A 339 -36.30 -13.15 16.58
N ILE A 340 -35.14 -12.66 16.16
CA ILE A 340 -34.05 -13.53 15.77
C ILE A 340 -33.57 -14.29 17.00
N VAL A 341 -33.36 -15.60 16.86
CA VAL A 341 -32.93 -16.43 17.97
C VAL A 341 -31.41 -16.43 18.04
N VAL A 342 -30.86 -15.90 19.13
CA VAL A 342 -29.42 -15.92 19.39
C VAL A 342 -29.13 -17.05 20.36
N ASP A 343 -28.19 -17.93 20.00
CA ASP A 343 -27.88 -19.09 20.80
C ASP A 343 -26.39 -19.11 21.13
N THR A 344 -26.04 -18.87 22.40
CA THR A 344 -24.66 -18.95 22.85
C THR A 344 -24.46 -20.02 23.93
N THR A 345 -25.42 -20.94 24.11
CA THR A 345 -25.50 -21.72 25.34
C THR A 345 -24.92 -23.14 25.26
N GLY A 346 -25.21 -23.96 24.24
CA GLY A 346 -26.12 -23.75 23.13
C GLY A 346 -27.41 -24.55 23.25
N SER A 347 -28.52 -23.82 23.25
CA SER A 347 -29.85 -24.34 23.58
C SER A 347 -30.65 -24.82 22.37
N THR A 348 -30.17 -24.61 21.14
CA THR A 348 -31.00 -24.78 19.96
C THR A 348 -30.47 -25.90 19.08
N LYS A 349 -31.36 -26.37 18.20
CA LYS A 349 -31.03 -27.34 17.14
C LYS A 349 -31.79 -26.94 15.88
N PRO A 350 -31.26 -27.25 14.71
CA PRO A 350 -31.97 -26.91 13.48
C PRO A 350 -33.21 -27.77 13.30
N ASP A 351 -34.25 -27.17 12.72
CA ASP A 351 -35.42 -27.93 12.33
C ASP A 351 -35.30 -28.39 10.88
N PRO A 352 -35.96 -29.48 10.52
CA PRO A 352 -35.94 -29.92 9.12
C PRO A 352 -36.39 -28.79 8.18
N GLY A 353 -35.70 -28.67 7.06
CA GLY A 353 -35.92 -27.58 6.13
C GLY A 353 -35.06 -26.35 6.38
N ASP A 354 -34.32 -26.30 7.48
CA ASP A 354 -33.42 -25.19 7.72
C ASP A 354 -32.20 -25.31 6.83
N LEU A 355 -31.75 -24.18 6.31
CA LEU A 355 -30.45 -24.09 5.67
C LEU A 355 -29.42 -23.71 6.72
N VAL A 356 -28.39 -24.52 6.88
CA VAL A 356 -27.31 -24.22 7.81
C VAL A 356 -26.25 -23.42 7.08
N LEU A 357 -25.89 -22.26 7.63
CA LEU A 357 -24.99 -21.33 6.96
C LEU A 357 -23.87 -20.92 7.89
N THR A 358 -22.72 -20.65 7.27
CA THR A 358 -21.56 -20.10 7.97
C THR A 358 -20.79 -19.28 6.95
N CYS A 359 -19.93 -18.39 7.43
CA CYS A 359 -19.18 -17.55 6.49
C CYS A 359 -17.90 -18.21 5.99
N PHE A 360 -17.29 -19.09 6.77
CA PHE A 360 -16.00 -19.67 6.44
C PHE A 360 -16.17 -21.02 5.75
N ARG A 361 -15.50 -21.18 4.61
CA ARG A 361 -15.48 -22.48 3.95
C ARG A 361 -14.88 -23.56 4.86
N GLY A 362 -13.88 -23.19 5.67
CA GLY A 362 -13.22 -24.19 6.50
C GLY A 362 -14.13 -24.82 7.54
N TRP A 363 -15.16 -24.09 7.99
CA TRP A 363 -16.08 -24.60 8.99
C TRP A 363 -17.16 -25.49 8.42
N VAL A 364 -17.37 -25.50 7.10
CA VAL A 364 -18.45 -26.28 6.50
C VAL A 364 -18.29 -27.76 6.82
N LYS A 365 -17.03 -28.24 6.85
CA LYS A 365 -16.76 -29.67 7.08
C LYS A 365 -17.34 -30.14 8.40
N GLN A 366 -17.01 -29.45 9.50
CA GLN A 366 -17.50 -29.89 10.80
C GLN A 366 -19.01 -29.75 10.92
N LEU A 367 -19.59 -28.75 10.25
CA LEU A 367 -21.04 -28.53 10.35
C LEU A 367 -21.81 -29.61 9.61
N GLN A 368 -21.31 -30.05 8.46
CA GLN A 368 -21.92 -31.18 7.77
C GLN A 368 -21.96 -32.41 8.68
N ILE A 369 -20.87 -32.66 9.40
CA ILE A 369 -20.84 -33.77 10.35
C ILE A 369 -21.80 -33.50 11.50
N ASP A 370 -21.78 -32.28 12.05
CA ASP A 370 -22.68 -31.95 13.15
C ASP A 370 -24.14 -32.13 12.76
N TYR A 371 -24.49 -31.76 11.51
CA TYR A 371 -25.89 -31.72 11.06
C TYR A 371 -26.04 -32.56 9.79
N ARG A 372 -25.84 -33.86 9.94
CA ARG A 372 -26.05 -34.77 8.82
C ARG A 372 -27.49 -34.70 8.33
N GLY A 373 -27.66 -34.79 7.02
CA GLY A 373 -28.97 -34.68 6.41
C GLY A 373 -29.42 -33.26 6.11
N TYR A 374 -28.73 -32.25 6.63
CA TYR A 374 -29.10 -30.85 6.43
C TYR A 374 -28.30 -30.22 5.30
N GLU A 375 -28.92 -29.25 4.63
CA GLU A 375 -28.19 -28.38 3.70
C GLU A 375 -27.23 -27.53 4.50
N VAL A 376 -25.93 -27.61 4.16
CA VAL A 376 -24.91 -26.79 4.81
C VAL A 376 -24.05 -26.18 3.72
N MET A 377 -23.86 -24.86 3.79
CA MET A 377 -23.00 -24.20 2.81
C MET A 377 -22.58 -22.85 3.38
N THR A 378 -21.67 -22.19 2.66
CA THR A 378 -21.27 -20.87 3.09
C THR A 378 -22.33 -19.84 2.74
N ALA A 379 -22.27 -18.70 3.43
CA ALA A 379 -23.11 -17.57 3.06
C ALA A 379 -22.93 -17.23 1.58
N ALA A 380 -21.67 -17.14 1.12
CA ALA A 380 -21.44 -16.73 -0.28
C ALA A 380 -22.06 -17.72 -1.25
N ALA A 381 -21.95 -19.03 -0.98
CA ALA A 381 -22.52 -20.01 -1.91
C ALA A 381 -24.05 -19.99 -1.90
N SER A 382 -24.65 -19.50 -0.84
CA SER A 382 -26.11 -19.47 -0.72
C SER A 382 -26.75 -18.30 -1.47
N GLN A 383 -25.95 -17.39 -2.05
CA GLN A 383 -26.49 -16.14 -2.55
C GLN A 383 -27.46 -16.38 -3.69
N GLY A 384 -28.71 -15.91 -3.51
CA GLY A 384 -29.80 -16.12 -4.45
C GLY A 384 -30.87 -17.07 -3.96
N LEU A 385 -30.57 -17.89 -2.95
CA LEU A 385 -31.50 -18.90 -2.47
C LEU A 385 -32.56 -18.30 -1.55
N THR A 386 -33.73 -18.92 -1.53
CA THR A 386 -34.79 -18.62 -0.56
C THR A 386 -35.00 -19.88 0.27
N ARG A 387 -35.07 -19.71 1.59
CA ARG A 387 -35.27 -20.83 2.51
C ARG A 387 -36.27 -20.43 3.59
N LYS A 388 -37.05 -21.42 4.06
CA LYS A 388 -38.02 -21.14 5.11
C LYS A 388 -37.34 -20.81 6.44
N GLY A 389 -36.19 -21.41 6.71
CA GLY A 389 -35.46 -21.12 7.93
C GLY A 389 -33.97 -21.17 7.66
N VAL A 390 -33.23 -20.36 8.41
CA VAL A 390 -31.77 -20.36 8.34
C VAL A 390 -31.21 -20.62 9.74
N TYR A 391 -30.27 -21.54 9.84
CA TYR A 391 -29.59 -21.89 11.08
C TYR A 391 -28.11 -21.54 10.89
N ALA A 392 -27.73 -20.33 11.31
CA ALA A 392 -26.38 -19.83 11.12
C ALA A 392 -25.51 -20.19 12.31
N VAL A 393 -24.32 -20.72 12.04
CA VAL A 393 -23.38 -21.15 13.08
C VAL A 393 -22.05 -20.44 12.87
N ARG A 394 -21.53 -19.87 13.96
CA ARG A 394 -20.23 -19.22 13.97
C ARG A 394 -19.38 -19.90 15.03
N GLN A 395 -18.24 -20.48 14.62
CA GLN A 395 -17.42 -21.26 15.54
C GLN A 395 -16.47 -20.38 16.36
N LYS A 396 -16.05 -19.24 15.83
CA LYS A 396 -15.07 -18.40 16.50
C LYS A 396 -15.41 -16.94 16.26
N VAL A 397 -15.17 -16.11 17.26
CA VAL A 397 -15.42 -14.68 17.19
C VAL A 397 -14.07 -13.98 17.18
N ASN A 398 -13.78 -13.24 16.11
CA ASN A 398 -12.57 -12.43 16.04
C ASN A 398 -12.81 -11.34 14.98
N GLU A 399 -11.73 -10.72 14.51
CA GLU A 399 -11.83 -9.55 13.66
C GLU A 399 -11.80 -9.91 12.17
N ASN A 400 -12.12 -11.15 11.83
CA ASN A 400 -12.10 -11.56 10.43
C ASN A 400 -13.06 -10.68 9.63
N PRO A 401 -12.63 -10.15 8.48
CA PRO A 401 -13.50 -9.22 7.74
C PRO A 401 -14.80 -9.84 7.26
N LEU A 402 -14.87 -11.17 7.09
CA LEU A 402 -16.13 -11.76 6.64
C LEU A 402 -17.25 -11.58 7.67
N TYR A 403 -16.92 -11.33 8.93
CA TYR A 403 -17.94 -11.08 9.94
C TYR A 403 -17.96 -9.62 10.39
N ALA A 404 -17.33 -8.72 9.63
CA ALA A 404 -17.38 -7.30 9.96
C ALA A 404 -18.81 -6.77 9.81
N SER A 405 -19.05 -5.61 10.43
CA SER A 405 -20.38 -5.03 10.37
C SER A 405 -20.82 -4.74 8.94
N THR A 406 -19.88 -4.35 8.08
CA THR A 406 -20.22 -4.03 6.70
C THR A 406 -20.17 -5.24 5.77
N SER A 407 -19.90 -6.44 6.31
CA SER A 407 -19.70 -7.62 5.49
C SER A 407 -20.89 -7.94 4.58
N GLU A 408 -20.61 -8.06 3.29
CA GLU A 408 -21.64 -8.48 2.35
C GLU A 408 -22.01 -9.94 2.57
N HIS A 409 -21.10 -10.72 3.17
CA HIS A 409 -21.38 -12.12 3.48
C HIS A 409 -22.49 -12.25 4.52
N VAL A 410 -22.40 -11.49 5.61
CA VAL A 410 -23.48 -11.51 6.59
C VAL A 410 -24.78 -10.98 5.99
N ASN A 411 -24.69 -9.89 5.20
CA ASN A 411 -25.86 -9.40 4.48
C ASN A 411 -26.57 -10.53 3.75
N VAL A 412 -25.82 -11.33 2.98
CA VAL A 412 -26.42 -12.44 2.25
C VAL A 412 -27.00 -13.46 3.23
N LEU A 413 -26.23 -13.80 4.26
CA LEU A 413 -26.65 -14.80 5.23
C LEU A 413 -28.00 -14.45 5.86
N LEU A 414 -28.15 -13.21 6.32
CA LEU A 414 -29.39 -12.86 7.02
C LEU A 414 -30.59 -12.84 6.09
N THR A 415 -30.37 -12.59 4.79
CA THR A 415 -31.46 -12.34 3.87
C THR A 415 -31.92 -13.58 3.13
N ARG A 416 -31.40 -14.76 3.50
CA ARG A 416 -31.82 -16.01 2.88
C ARG A 416 -33.15 -16.50 3.44
N THR A 417 -33.53 -16.09 4.65
CA THR A 417 -34.71 -16.67 5.27
C THR A 417 -35.94 -15.82 4.99
N GLU A 418 -37.08 -16.50 4.83
CA GLU A 418 -38.37 -15.83 4.84
C GLU A 418 -39.07 -15.98 6.18
N GLY A 419 -38.41 -16.61 7.15
CA GLY A 419 -38.95 -16.71 8.48
C GLY A 419 -37.87 -16.85 9.53
N LYS A 420 -37.79 -18.02 10.15
CA LYS A 420 -36.93 -18.19 11.31
C LYS A 420 -35.46 -17.97 10.95
N LEU A 421 -34.74 -17.33 11.86
CA LEU A 421 -33.29 -17.20 11.78
C LEU A 421 -32.72 -17.47 13.15
N VAL A 422 -31.84 -18.47 13.24
CA VAL A 422 -31.05 -18.74 14.43
C VAL A 422 -29.62 -18.30 14.13
N TRP A 423 -29.00 -17.61 15.09
CA TRP A 423 -27.60 -17.20 15.00
C TRP A 423 -26.88 -17.85 16.18
N LYS A 424 -26.27 -19.01 15.92
CA LYS A 424 -25.51 -19.73 16.93
C LYS A 424 -24.08 -19.22 16.89
N THR A 425 -23.58 -18.78 18.04
CA THR A 425 -22.27 -18.14 18.11
C THR A 425 -21.75 -18.25 19.55
N LEU A 426 -20.68 -17.53 19.86
CA LEU A 426 -20.14 -17.40 21.20
C LEU A 426 -20.54 -16.06 21.80
N SER A 427 -20.67 -16.03 23.13
CA SER A 427 -20.94 -14.77 23.81
C SER A 427 -19.79 -13.80 23.56
N GLY A 428 -20.13 -12.51 23.45
CA GLY A 428 -19.20 -11.50 23.00
C GLY A 428 -19.25 -11.21 21.52
N ASP A 429 -19.97 -12.01 20.73
CA ASP A 429 -20.17 -11.72 19.31
C ASP A 429 -20.80 -10.35 19.13
N PRO A 430 -20.06 -9.38 18.56
CA PRO A 430 -20.63 -8.04 18.34
C PRO A 430 -21.96 -8.05 17.61
N TRP A 431 -22.21 -9.05 16.75
CA TRP A 431 -23.46 -9.10 16.00
C TRP A 431 -24.69 -9.30 16.89
N ILE A 432 -24.51 -9.80 18.11
CA ILE A 432 -25.64 -10.09 18.99
C ILE A 432 -26.45 -8.82 19.27
N LYS A 433 -25.76 -7.69 19.49
CA LYS A 433 -26.46 -6.44 19.79
C LYS A 433 -27.46 -6.09 18.68
N THR A 434 -26.99 -6.10 17.43
CA THR A 434 -27.86 -5.75 16.31
C THR A 434 -28.97 -6.78 16.12
N LEU A 435 -28.65 -8.07 16.29
CA LEU A 435 -29.64 -9.12 16.04
C LEU A 435 -30.79 -9.07 17.04
N GLN A 436 -30.46 -8.84 18.32
CA GLN A 436 -31.50 -8.78 19.34
C GLN A 436 -32.18 -7.43 19.42
N ASN A 437 -31.56 -6.37 18.89
CA ASN A 437 -32.16 -5.03 18.86
C ASN A 437 -32.04 -4.45 17.45
N PRO A 438 -32.83 -4.94 16.51
CA PRO A 438 -32.75 -4.42 15.16
C PRO A 438 -33.16 -2.96 15.12
N PRO A 439 -32.65 -2.19 14.17
CA PRO A 439 -32.99 -0.76 14.11
C PRO A 439 -34.49 -0.55 14.01
N LYS A 440 -34.93 0.54 14.57
CA LYS A 440 -36.35 0.84 14.52
C LYS A 440 -36.71 1.73 13.39
N GLY A 441 -37.97 1.68 13.05
CA GLY A 441 -38.44 2.30 11.84
C GLY A 441 -39.55 1.48 11.25
N ASN A 442 -40.18 2.06 10.25
CA ASN A 442 -41.23 1.39 9.51
C ASN A 442 -40.57 0.85 8.24
N PHE A 443 -40.19 -0.42 8.30
CA PHE A 443 -39.59 -1.09 7.16
C PHE A 443 -40.59 -1.94 6.41
N LYS A 444 -41.88 -1.77 6.70
CA LYS A 444 -42.93 -2.56 6.08
C LYS A 444 -43.48 -1.82 4.88
N ALA A 445 -43.74 -2.56 3.81
CA ALA A 445 -44.41 -2.05 2.63
C ALA A 445 -45.64 -2.89 2.35
N THR A 446 -46.56 -2.33 1.58
CA THR A 446 -47.71 -3.12 1.15
C THR A 446 -47.39 -3.85 -0.14
N ILE A 447 -48.10 -4.96 -0.35
CA ILE A 447 -47.98 -5.74 -1.57
C ILE A 447 -48.23 -4.89 -2.81
N LYS A 448 -49.10 -3.88 -2.72
CA LYS A 448 -49.32 -3.12 -3.94
C LYS A 448 -48.25 -2.09 -4.22
N GLU A 449 -47.65 -1.50 -3.18
CA GLU A 449 -46.44 -0.75 -3.42
C GLU A 449 -45.42 -1.60 -4.16
N TRP A 450 -45.29 -2.86 -3.75
CA TRP A 450 -44.38 -3.77 -4.46
C TRP A 450 -44.86 -4.00 -5.89
N GLU A 451 -46.18 -4.16 -6.08
CA GLU A 451 -46.69 -4.44 -7.42
C GLU A 451 -46.49 -3.27 -8.36
N VAL A 452 -46.67 -2.04 -7.86
CA VAL A 452 -46.49 -0.89 -8.74
C VAL A 452 -45.00 -0.68 -9.03
N GLU A 453 -44.15 -0.91 -8.04
CA GLU A 453 -42.70 -0.88 -8.34
C GLU A 453 -42.36 -1.93 -9.40
N HIS A 454 -42.86 -3.15 -9.21
CA HIS A 454 -42.59 -4.21 -10.16
C HIS A 454 -43.10 -3.86 -11.55
N ALA A 455 -44.32 -3.28 -11.62
CA ALA A 455 -44.92 -2.94 -12.90
C ALA A 455 -44.08 -1.93 -13.67
N SER A 456 -43.53 -0.93 -12.97
CA SER A 456 -42.64 0.03 -13.62
C SER A 456 -41.45 -0.67 -14.26
N ILE A 457 -40.90 -1.68 -13.59
CA ILE A 457 -39.74 -2.38 -14.12
C ILE A 457 -40.14 -3.27 -15.30
N MET A 458 -41.23 -4.02 -15.15
CA MET A 458 -41.69 -4.89 -16.23
C MET A 458 -42.12 -4.08 -17.45
N ALA A 459 -42.68 -2.88 -17.24
CA ALA A 459 -42.98 -2.01 -18.37
C ALA A 459 -41.72 -1.62 -19.12
N GLY A 460 -40.66 -1.27 -18.38
CA GLY A 460 -39.42 -0.87 -19.02
C GLY A 460 -38.68 -2.03 -19.65
N ILE A 461 -38.68 -3.20 -18.99
CA ILE A 461 -38.02 -4.38 -19.53
C ILE A 461 -38.65 -4.77 -20.86
N CYS A 462 -39.99 -4.79 -20.91
CA CYS A 462 -40.69 -5.18 -22.13
C CYS A 462 -40.72 -4.08 -23.19
N SER A 463 -40.34 -2.85 -22.83
CA SER A 463 -40.31 -1.74 -23.79
C SER A 463 -39.02 -1.73 -24.61
N GLY B 1 15.49 18.15 -24.69
CA GLY B 1 16.82 17.73 -24.28
C GLY B 1 17.31 16.47 -24.96
N ILE B 2 18.53 16.52 -25.48
CA ILE B 2 19.13 15.34 -26.10
C ILE B 2 19.76 14.47 -25.02
N ILE B 3 19.57 13.16 -25.16
CA ILE B 3 20.22 12.16 -24.35
C ILE B 3 21.31 11.53 -25.21
N GLU B 4 22.41 11.12 -24.57
CA GLU B 4 23.45 10.35 -25.26
C GLU B 4 24.15 9.45 -24.27
N THR B 5 24.73 8.37 -24.80
CA THR B 5 25.43 7.36 -23.99
C THR B 5 26.84 7.14 -24.54
N PRO B 6 27.73 8.13 -24.41
CA PRO B 6 29.09 7.99 -24.94
C PRO B 6 29.95 7.10 -24.04
N ARG B 7 30.61 6.13 -24.65
CA ARG B 7 31.50 5.19 -23.96
C ARG B 7 30.65 4.49 -22.87
N GLY B 8 31.18 4.33 -21.66
CA GLY B 8 30.41 3.71 -20.59
C GLY B 8 29.82 4.73 -19.64
N ALA B 9 29.13 5.73 -20.19
CA ALA B 9 28.57 6.82 -19.39
C ALA B 9 27.30 7.31 -20.06
N ILE B 10 26.66 8.29 -19.43
CA ILE B 10 25.46 8.92 -19.96
C ILE B 10 25.62 10.43 -19.86
N LYS B 11 25.16 11.13 -20.89
CA LYS B 11 25.22 12.59 -20.92
C LYS B 11 23.91 13.14 -21.47
N VAL B 12 23.28 14.05 -20.73
CA VAL B 12 22.06 14.71 -21.14
C VAL B 12 22.38 16.18 -21.40
N THR B 13 21.84 16.71 -22.50
CA THR B 13 22.09 18.10 -22.87
C THR B 13 20.76 18.80 -23.02
N ALA B 14 20.56 19.85 -22.23
CA ALA B 14 19.36 20.65 -22.33
C ALA B 14 19.41 21.58 -23.54
N GLN B 15 18.25 21.89 -24.09
CA GLN B 15 18.14 22.76 -25.24
C GLN B 15 17.36 24.01 -24.86
N PRO B 16 17.13 24.95 -25.78
CA PRO B 16 16.05 25.92 -25.58
C PRO B 16 14.72 25.21 -25.39
N THR B 17 13.72 25.98 -24.94
CA THR B 17 12.37 25.49 -24.66
C THR B 17 12.34 24.47 -23.52
N ASP B 18 13.51 24.07 -23.02
CA ASP B 18 13.59 23.03 -22.00
C ASP B 18 13.49 23.63 -20.60
N HIS B 19 12.58 23.11 -19.80
CA HIS B 19 12.46 23.49 -18.40
C HIS B 19 13.68 22.97 -17.64
N VAL B 20 14.55 23.88 -17.20
CA VAL B 20 15.70 23.52 -16.39
C VAL B 20 15.62 24.30 -15.07
N VAL B 21 16.28 23.74 -14.05
CA VAL B 21 16.53 24.45 -12.80
C VAL B 21 18.02 24.30 -12.53
N GLY B 22 18.77 25.39 -12.70
CA GLY B 22 20.21 25.28 -12.70
C GLY B 22 20.64 24.39 -13.86
N GLU B 23 21.44 23.37 -13.56
CA GLU B 23 21.90 22.42 -14.57
C GLU B 23 21.09 21.12 -14.58
N TYR B 24 19.90 21.12 -13.98
CA TYR B 24 19.08 19.92 -13.92
C TYR B 24 17.91 20.10 -14.88
N LEU B 25 17.77 19.15 -15.81
CA LEU B 25 16.69 19.16 -16.78
C LEU B 25 15.43 18.58 -16.14
N VAL B 26 14.34 19.34 -16.18
CA VAL B 26 13.06 18.91 -15.60
C VAL B 26 12.30 18.11 -16.66
N LEU B 27 11.86 16.92 -16.29
CA LEU B 27 11.22 16.00 -17.22
C LEU B 27 9.94 15.44 -16.61
N SER B 28 8.98 15.16 -17.49
CA SER B 28 7.80 14.40 -17.10
C SER B 28 8.18 12.93 -16.88
N PRO B 29 7.50 12.24 -15.97
CA PRO B 29 7.72 10.79 -15.87
C PRO B 29 7.44 10.08 -17.17
N GLN B 30 6.39 10.49 -17.89
CA GLN B 30 6.07 9.87 -19.18
C GLN B 30 7.23 10.05 -20.17
N THR B 31 7.82 11.24 -20.24
CA THR B 31 8.96 11.45 -21.13
C THR B 31 10.11 10.51 -20.79
N VAL B 32 10.47 10.43 -19.50
CA VAL B 32 11.54 9.53 -19.08
C VAL B 32 11.22 8.10 -19.49
N LEU B 33 10.01 7.62 -19.16
CA LEU B 33 9.66 6.24 -19.47
C LEU B 33 9.64 5.98 -20.97
N ARG B 34 9.34 7.01 -21.77
CA ARG B 34 9.33 6.87 -23.23
C ARG B 34 10.74 6.69 -23.79
N SER B 35 11.75 7.28 -23.15
CA SER B 35 13.13 7.23 -23.63
C SER B 35 13.80 5.94 -23.16
N GLN B 36 14.28 5.14 -24.11
CA GLN B 36 14.90 3.87 -23.74
C GLN B 36 16.28 4.07 -23.12
N LYS B 37 17.01 5.10 -23.56
CA LYS B 37 18.34 5.30 -23.01
C LYS B 37 18.31 5.86 -21.59
N LEU B 38 17.15 6.32 -21.13
CA LEU B 38 16.96 6.68 -19.73
C LEU B 38 16.34 5.55 -18.92
N SER B 39 16.48 4.31 -19.41
CA SER B 39 15.89 3.17 -18.71
C SER B 39 16.46 3.01 -17.30
N LEU B 40 17.72 3.40 -17.10
CA LEU B 40 18.35 3.24 -15.79
C LEU B 40 17.66 4.03 -14.70
N ILE B 41 16.76 4.94 -15.04
CA ILE B 41 15.97 5.67 -14.05
C ILE B 41 14.47 5.47 -14.26
N HIS B 42 14.07 4.47 -15.05
CA HIS B 42 12.64 4.21 -15.23
C HIS B 42 11.95 3.91 -13.89
N ALA B 43 12.62 3.19 -12.99
CA ALA B 43 12.03 2.92 -11.68
C ALA B 43 11.71 4.22 -10.95
N LEU B 44 12.59 5.21 -11.07
CA LEU B 44 12.32 6.51 -10.48
C LEU B 44 11.12 7.18 -11.14
N ALA B 45 11.04 7.13 -12.47
CA ALA B 45 9.90 7.72 -13.16
C ALA B 45 8.59 7.05 -12.75
N GLU B 46 8.58 5.72 -12.66
CA GLU B 46 7.35 5.04 -12.20
C GLU B 46 7.00 5.49 -10.80
N GLN B 47 7.99 5.54 -9.91
CA GLN B 47 7.79 5.94 -8.53
C GLN B 47 7.22 7.35 -8.44
N VAL B 48 7.68 8.27 -9.29
CA VAL B 48 7.10 9.61 -9.29
C VAL B 48 5.68 9.58 -9.82
N LYS B 49 5.41 8.70 -10.78
CA LYS B 49 4.08 8.59 -11.35
C LYS B 49 3.08 8.10 -10.31
N THR B 50 3.43 7.03 -9.61
CA THR B 50 2.50 6.48 -8.61
C THR B 50 2.24 7.47 -7.48
N CYS B 51 3.31 7.99 -6.86
CA CYS B 51 3.15 8.81 -5.67
C CYS B 51 2.37 10.08 -5.95
N THR B 52 2.34 10.55 -7.20
CA THR B 52 1.58 11.76 -7.50
C THR B 52 0.08 11.49 -7.46
N HIS B 53 -0.36 10.45 -8.16
CA HIS B 53 -1.77 10.03 -8.14
C HIS B 53 -1.99 9.06 -6.96
N ASN B 54 -1.83 9.60 -5.76
CA ASN B 54 -2.01 8.81 -4.54
C ASN B 54 -2.32 9.70 -3.35
N ALA B 64 -3.72 15.73 -7.22
CA ALA B 64 -3.28 14.86 -8.30
C ALA B 64 -2.91 15.68 -9.54
N TYR B 65 -1.70 15.45 -10.05
CA TYR B 65 -1.22 16.20 -11.22
C TYR B 65 -0.15 15.36 -11.94
N ASP B 66 0.80 16.03 -12.59
CA ASP B 66 1.91 15.37 -13.27
C ASP B 66 3.21 15.79 -12.56
N GLY B 67 3.74 14.91 -11.71
CA GLY B 67 5.02 15.17 -11.06
C GLY B 67 6.15 15.36 -12.05
N ARG B 68 7.38 15.54 -11.57
CA ARG B 68 8.50 15.76 -12.48
C ARG B 68 9.70 14.90 -12.07
N VAL B 69 10.55 14.61 -13.04
CA VAL B 69 11.83 13.93 -12.83
C VAL B 69 12.95 14.88 -13.25
N LEU B 70 13.96 15.02 -12.39
CA LEU B 70 15.09 15.91 -12.65
C LEU B 70 16.34 15.06 -12.90
N VAL B 71 17.06 15.37 -13.98
CA VAL B 71 18.28 14.64 -14.35
C VAL B 71 19.44 15.63 -14.47
N PRO B 72 20.65 15.23 -14.10
CA PRO B 72 21.80 16.11 -14.31
C PRO B 72 22.13 16.22 -15.79
N SER B 73 22.34 17.45 -16.25
CA SER B 73 22.59 17.69 -17.66
C SER B 73 23.92 18.40 -17.85
N GLY B 74 24.55 18.15 -19.00
CA GLY B 74 25.74 18.86 -19.42
C GLY B 74 27.02 18.08 -19.30
N TYR B 75 27.01 16.88 -18.73
CA TYR B 75 28.26 16.18 -18.46
C TYR B 75 28.06 14.68 -18.67
N ALA B 76 29.14 14.02 -19.07
CA ALA B 76 29.17 12.57 -19.18
C ALA B 76 29.38 11.98 -17.80
N ILE B 77 28.37 11.28 -17.29
CA ILE B 77 28.33 10.80 -15.91
C ILE B 77 28.23 9.28 -15.92
N SER B 78 28.83 8.64 -14.91
CA SER B 78 28.67 7.21 -14.78
C SER B 78 27.21 6.88 -14.50
N PRO B 79 26.73 5.70 -14.94
CA PRO B 79 25.30 5.39 -14.75
C PRO B 79 24.84 5.44 -13.30
N GLU B 80 25.65 4.91 -12.38
CA GLU B 80 25.27 4.89 -10.97
C GLU B 80 25.17 6.30 -10.40
N ASP B 81 26.16 7.15 -10.70
CA ASP B 81 26.11 8.54 -10.26
C ASP B 81 24.91 9.26 -10.88
N PHE B 82 24.56 8.90 -12.11
CA PHE B 82 23.42 9.53 -12.78
C PHE B 82 22.13 9.23 -12.05
N GLN B 83 21.90 7.97 -11.69
CA GLN B 83 20.65 7.65 -11.01
C GLN B 83 20.61 8.26 -9.61
N SER B 84 21.74 8.27 -8.89
CA SER B 84 21.79 8.90 -7.57
C SER B 84 21.46 10.37 -7.65
N LEU B 85 22.13 11.09 -8.56
CA LEU B 85 21.89 12.52 -8.73
C LEU B 85 20.47 12.81 -9.19
N SER B 86 19.94 12.01 -10.11
CA SER B 86 18.56 12.22 -10.56
C SER B 86 17.57 12.02 -9.40
N GLU B 87 17.72 10.93 -8.66
CA GLU B 87 16.76 10.63 -7.59
C GLU B 87 16.81 11.69 -6.50
N SER B 88 18.02 12.15 -6.16
CA SER B 88 18.17 13.15 -5.12
C SER B 88 17.48 14.46 -5.51
N ALA B 89 17.77 14.95 -6.72
CA ALA B 89 17.17 16.19 -7.19
C ALA B 89 15.68 16.06 -7.44
N THR B 90 15.24 14.88 -7.90
CA THR B 90 13.80 14.65 -8.14
C THR B 90 13.00 14.69 -6.84
N MET B 91 13.55 14.13 -5.76
CA MET B 91 12.85 14.18 -4.49
C MET B 91 12.71 15.62 -3.99
N VAL B 92 13.78 16.41 -4.10
CA VAL B 92 13.69 17.81 -3.66
C VAL B 92 12.58 18.54 -4.42
N TYR B 93 12.60 18.46 -5.75
CA TYR B 93 11.62 19.17 -6.57
C TYR B 93 10.20 18.74 -6.23
N ASN B 94 9.93 17.43 -6.22
CA ASN B 94 8.57 16.96 -5.97
C ASN B 94 8.11 17.27 -4.56
N GLU B 95 9.04 17.30 -3.59
CA GLU B 95 8.62 17.63 -2.23
C GLU B 95 8.15 19.08 -2.15
N ARG B 96 8.82 19.98 -2.87
CA ARG B 96 8.37 21.37 -2.89
C ARG B 96 7.00 21.49 -3.55
N GLU B 97 6.79 20.78 -4.66
CA GLU B 97 5.49 20.81 -5.32
C GLU B 97 4.41 20.21 -4.44
N PHE B 98 4.74 19.13 -3.73
CA PHE B 98 3.78 18.47 -2.84
C PHE B 98 3.37 19.38 -1.69
N VAL B 99 4.33 20.04 -1.06
CA VAL B 99 4.02 20.92 0.06
C VAL B 99 3.18 22.10 -0.40
N ASN B 100 3.58 22.73 -1.50
CA ASN B 100 2.87 23.91 -1.97
C ASN B 100 1.45 23.57 -2.42
N ARG B 101 1.24 22.35 -2.93
CA ARG B 101 -0.11 21.94 -3.31
C ARG B 101 -0.97 21.72 -2.07
N LYS B 102 -0.41 21.09 -1.03
CA LYS B 102 -1.13 20.98 0.23
C LYS B 102 -1.49 22.35 0.76
N LEU B 103 -0.54 23.30 0.72
CA LEU B 103 -0.84 24.65 1.20
C LEU B 103 -1.91 25.31 0.35
N HIS B 104 -1.83 25.12 -0.97
CA HIS B 104 -2.84 25.71 -1.85
C HIS B 104 -4.22 25.15 -1.54
N HIS B 105 -4.30 23.85 -1.24
CA HIS B 105 -5.59 23.25 -0.92
C HIS B 105 -6.16 23.82 0.37
N ILE B 106 -5.34 23.95 1.39
CA ILE B 106 -5.79 24.55 2.65
C ILE B 106 -6.27 25.98 2.41
N ALA B 107 -5.55 26.73 1.59
CA ALA B 107 -5.93 28.12 1.32
C ALA B 107 -7.28 28.19 0.61
N MET B 108 -7.48 27.38 -0.43
CA MET B 108 -8.63 27.56 -1.29
C MET B 108 -9.82 26.72 -0.88
N HIS B 109 -9.57 25.48 -0.44
CA HIS B 109 -10.63 24.56 -0.05
C HIS B 109 -10.71 24.38 1.45
N GLY B 110 -10.01 25.20 2.22
CA GLY B 110 -10.11 25.18 3.66
C GLY B 110 -9.36 24.02 4.27
N PRO B 111 -9.05 24.12 5.56
CA PRO B 111 -8.27 23.07 6.20
C PRO B 111 -9.02 21.75 6.21
N ALA B 112 -8.28 20.66 6.02
CA ALA B 112 -8.89 19.34 6.17
C ALA B 112 -9.45 19.19 7.57
N LEU B 113 -10.62 18.58 7.65
CA LEU B 113 -11.48 18.61 8.81
C LEU B 113 -10.79 17.92 9.99
N ASN B 114 -10.67 18.65 11.10
CA ASN B 114 -10.11 18.20 12.38
C ASN B 114 -8.65 17.79 12.28
N THR B 115 -7.99 18.01 11.14
CA THR B 115 -6.59 17.62 10.97
C THR B 115 -5.66 18.66 11.58
N ASP B 116 -4.35 18.46 11.36
CA ASP B 116 -3.35 19.48 11.67
C ASP B 116 -3.52 20.72 10.80
N GLU B 117 -4.15 20.57 9.63
CA GLU B 117 -4.30 21.69 8.71
C GLU B 117 -5.13 22.82 9.28
N GLU B 118 -5.95 22.54 10.31
CA GLU B 118 -6.75 23.58 10.94
C GLU B 118 -5.89 24.61 11.67
N SER B 119 -4.59 24.35 11.85
CA SER B 119 -3.72 25.30 12.52
C SER B 119 -3.29 26.46 11.63
N TYR B 120 -3.47 26.35 10.32
CA TYR B 120 -3.04 27.40 9.42
C TYR B 120 -4.01 28.57 9.44
N GLU B 121 -3.51 29.75 9.08
CA GLU B 121 -4.27 30.98 9.18
C GLU B 121 -4.06 31.83 7.94
N LEU B 122 -5.10 32.54 7.55
CA LEU B 122 -5.00 33.53 6.49
C LEU B 122 -4.69 34.90 7.09
N VAL B 123 -3.80 35.62 6.44
CA VAL B 123 -3.17 36.79 7.04
C VAL B 123 -2.82 37.78 5.94
N ARG B 124 -2.80 39.07 6.29
CA ARG B 124 -2.42 40.12 5.35
C ARG B 124 -0.89 40.22 5.27
N ALA B 125 -0.35 40.06 4.07
CA ALA B 125 1.11 40.03 3.92
C ALA B 125 1.76 41.33 4.36
N GLU B 126 1.08 42.47 4.14
CA GLU B 126 1.66 43.74 4.50
C GLU B 126 1.67 44.00 6.00
N ARG B 127 0.90 43.24 6.78
CA ARG B 127 0.70 43.54 8.19
C ARG B 127 1.24 42.49 9.15
N THR B 128 1.70 41.34 8.66
CA THR B 128 2.10 40.26 9.56
C THR B 128 3.57 40.38 9.93
N GLU B 129 3.91 39.86 11.10
CA GLU B 129 5.29 39.69 11.51
C GLU B 129 5.83 38.32 11.11
N HIS B 130 5.03 37.49 10.46
CA HIS B 130 5.52 36.23 9.91
C HIS B 130 6.53 36.52 8.81
N GLU B 131 7.75 36.02 8.98
CA GLU B 131 8.80 36.27 7.99
C GLU B 131 8.45 35.65 6.65
N TYR B 132 7.91 34.44 6.66
CA TYR B 132 7.64 33.70 5.45
C TYR B 132 6.17 33.30 5.41
N VAL B 133 5.71 33.00 4.22
CA VAL B 133 4.31 33.14 3.88
C VAL B 133 4.01 32.31 2.64
N TYR B 134 2.82 31.73 2.54
CA TYR B 134 2.42 31.04 1.31
C TYR B 134 1.52 31.95 0.49
N ASP B 135 1.97 32.30 -0.73
CA ASP B 135 1.24 33.17 -1.63
C ASP B 135 0.44 32.34 -2.64
N VAL B 136 -0.89 32.44 -2.56
CA VAL B 136 -1.76 31.67 -3.43
C VAL B 136 -1.59 32.06 -4.90
N ASP B 137 -1.32 33.33 -5.18
CA ASP B 137 -1.17 33.76 -6.56
C ASP B 137 0.17 33.34 -7.16
N GLN B 138 1.20 33.18 -6.34
CA GLN B 138 2.48 32.69 -6.84
C GLN B 138 2.63 31.19 -6.73
N ARG B 139 1.68 30.51 -6.09
CA ARG B 139 1.72 29.06 -5.91
C ARG B 139 3.04 28.60 -5.29
N ARG B 140 3.59 29.42 -4.39
CA ARG B 140 4.82 29.07 -3.68
C ARG B 140 4.88 29.88 -2.39
N CYS B 141 5.81 29.48 -1.51
CA CYS B 141 6.12 30.27 -0.32
C CYS B 141 7.18 31.32 -0.61
N CYS B 142 7.07 32.44 0.11
CA CYS B 142 7.94 33.57 -0.14
C CYS B 142 8.05 34.41 1.12
N LYS B 143 9.01 35.32 1.13
CA LYS B 143 9.04 36.35 2.16
C LYS B 143 7.76 37.16 2.08
N LYS B 144 7.31 37.65 3.24
CA LYS B 144 6.05 38.39 3.27
C LYS B 144 6.10 39.60 2.34
N GLU B 145 7.26 40.25 2.20
CA GLU B 145 7.34 41.43 1.34
C GLU B 145 7.18 41.09 -0.14
N GLU B 146 7.39 39.83 -0.53
CA GLU B 146 7.16 39.42 -1.91
C GLU B 146 5.69 39.29 -2.25
N ALA B 147 4.80 39.37 -1.27
CA ALA B 147 3.38 39.14 -1.49
C ALA B 147 2.56 40.36 -1.08
N ALA B 148 1.32 40.38 -1.56
CA ALA B 148 0.36 41.41 -1.21
C ALA B 148 -1.00 40.76 -0.98
N GLY B 149 -1.72 41.25 0.03
CA GLY B 149 -3.05 40.75 0.32
C GLY B 149 -3.07 39.55 1.26
N LEU B 150 -4.21 38.86 1.24
CA LEU B 150 -4.43 37.73 2.12
C LEU B 150 -3.48 36.59 1.74
N VAL B 151 -3.04 35.85 2.75
CA VAL B 151 -1.94 34.94 2.52
C VAL B 151 -1.88 33.93 3.67
N LEU B 152 -1.34 32.74 3.41
CA LEU B 152 -1.42 31.61 4.34
C LEU B 152 -0.10 31.43 5.09
N VAL B 153 -0.21 31.20 6.41
CA VAL B 153 0.96 30.97 7.25
C VAL B 153 0.68 29.80 8.19
N GLY B 154 1.75 29.12 8.57
CA GLY B 154 1.64 27.93 9.39
C GLY B 154 2.97 27.20 9.45
N ASP B 155 2.93 25.98 9.98
CA ASP B 155 4.18 25.28 10.28
C ASP B 155 5.05 25.11 9.05
N LEU B 156 4.45 24.64 7.95
CA LEU B 156 5.22 24.40 6.72
C LEU B 156 5.71 25.68 6.05
N THR B 157 5.24 26.85 6.49
CA THR B 157 5.75 28.11 5.97
C THR B 157 6.69 28.81 6.96
N ASN B 158 7.02 28.17 8.07
CA ASN B 158 7.70 28.83 9.19
C ASN B 158 8.88 28.00 9.67
N PRO B 159 10.00 27.98 8.92
CA PRO B 159 10.24 28.55 7.60
C PRO B 159 9.93 27.53 6.50
N PRO B 160 9.87 27.95 5.23
CA PRO B 160 9.61 26.98 4.14
C PRO B 160 10.85 26.25 3.65
N TYR B 161 11.28 25.24 4.43
CA TYR B 161 12.45 24.44 4.03
C TYR B 161 12.30 23.89 2.63
N HIS B 162 11.09 23.48 2.26
CA HIS B 162 10.87 22.90 0.94
C HIS B 162 11.22 23.89 -0.16
N GLU B 163 10.98 25.19 0.06
CA GLU B 163 11.36 26.21 -0.93
C GLU B 163 12.87 26.44 -0.92
N PHE B 164 13.49 26.44 0.27
CA PHE B 164 14.94 26.61 0.35
C PHE B 164 15.65 25.52 -0.44
N ALA B 165 15.25 24.27 -0.22
CA ALA B 165 15.89 23.15 -0.92
C ALA B 165 15.69 23.26 -2.42
N TYR B 166 14.49 23.67 -2.86
CA TYR B 166 14.25 23.87 -4.28
C TYR B 166 15.19 24.93 -4.86
N GLU B 167 15.31 26.07 -4.18
CA GLU B 167 16.19 27.12 -4.68
C GLU B 167 17.64 26.63 -4.77
N GLY B 168 18.08 25.86 -3.77
CA GLY B 168 19.41 25.29 -3.81
C GLY B 168 19.71 24.47 -5.06
N LEU B 169 18.67 23.88 -5.67
CA LEU B 169 18.87 23.12 -6.90
C LEU B 169 19.49 23.97 -7.99
N LYS B 170 19.21 25.28 -8.01
CA LYS B 170 19.74 26.15 -9.05
C LYS B 170 21.27 26.21 -9.04
N ILE B 171 21.91 25.84 -7.93
CA ILE B 171 23.37 25.81 -7.88
C ILE B 171 23.89 24.39 -7.63
N ARG B 172 23.03 23.39 -7.63
CA ARG B 172 23.49 22.04 -7.35
C ARG B 172 24.36 21.55 -8.50
N PRO B 173 25.57 21.04 -8.23
CA PRO B 173 26.39 20.53 -9.32
C PRO B 173 25.71 19.36 -10.01
N ALA B 174 26.01 19.20 -11.29
CA ALA B 174 25.51 18.11 -12.10
C ALA B 174 26.60 17.14 -12.56
N CYS B 175 27.85 17.37 -12.16
CA CYS B 175 28.94 16.48 -12.57
C CYS B 175 29.68 16.04 -11.33
N PRO B 176 29.79 14.73 -11.07
CA PRO B 176 30.51 14.27 -9.88
C PRO B 176 31.97 14.68 -9.94
N TYR B 177 32.55 14.87 -8.77
CA TYR B 177 33.95 15.21 -8.60
C TYR B 177 34.70 13.97 -8.17
N LYS B 178 35.66 13.53 -8.97
CA LYS B 178 36.38 12.29 -8.75
C LYS B 178 37.41 12.50 -7.64
N ILE B 179 37.24 11.81 -6.51
CA ILE B 179 38.16 11.92 -5.38
C ILE B 179 37.98 10.70 -4.49
N ALA B 180 39.01 10.38 -3.70
CA ALA B 180 38.85 9.31 -2.71
C ALA B 180 37.75 9.66 -1.72
N VAL B 181 36.92 8.68 -1.41
CA VAL B 181 35.81 8.84 -0.48
C VAL B 181 35.90 7.70 0.52
N ILE B 182 36.33 8.02 1.75
CA ILE B 182 36.47 7.05 2.84
C ILE B 182 35.22 7.11 3.71
N GLY B 183 34.60 5.95 3.91
CA GLY B 183 33.47 5.83 4.81
C GLY B 183 33.90 5.24 6.14
N VAL B 184 33.51 5.91 7.22
CA VAL B 184 33.68 5.37 8.57
C VAL B 184 32.30 5.15 9.14
N PHE B 185 31.84 3.90 9.12
CA PHE B 185 30.47 3.57 9.49
C PHE B 185 30.49 2.78 10.79
N GLY B 186 29.43 2.91 11.56
CA GLY B 186 29.28 1.97 12.66
C GLY B 186 28.53 2.58 13.84
N VAL B 187 28.75 1.95 14.98
CA VAL B 187 27.77 1.94 16.06
C VAL B 187 27.70 3.28 16.78
N PRO B 188 26.60 3.55 17.47
CA PRO B 188 26.48 4.85 18.16
C PRO B 188 27.57 5.03 19.19
N GLY B 189 28.07 6.26 19.31
CA GLY B 189 29.04 6.60 20.32
C GLY B 189 30.39 5.92 20.20
N SER B 190 30.75 5.40 19.03
CA SER B 190 32.01 4.68 18.86
C SER B 190 33.19 5.59 18.51
N GLY B 191 32.97 6.89 18.37
CA GLY B 191 34.06 7.81 18.07
C GLY B 191 34.18 8.22 16.61
N LYS B 192 33.12 8.04 15.82
CA LYS B 192 33.17 8.51 14.44
C LYS B 192 33.30 10.02 14.39
N SER B 193 32.52 10.74 15.21
CA SER B 193 32.65 12.19 15.25
C SER B 193 33.98 12.60 15.89
N ALA B 194 34.46 11.83 16.88
CA ALA B 194 35.74 12.16 17.52
C ALA B 194 36.88 12.21 16.52
N ILE B 195 36.86 11.33 15.51
CA ILE B 195 37.87 11.36 14.46
C ILE B 195 37.87 12.72 13.76
N ILE B 196 36.68 13.23 13.44
CA ILE B 196 36.58 14.53 12.78
C ILE B 196 37.13 15.61 13.68
N LYS B 197 36.71 15.60 14.95
CA LYS B 197 37.14 16.63 15.89
C LYS B 197 38.64 16.55 16.14
N ASN B 198 39.23 15.35 16.04
CA ASN B 198 40.65 15.19 16.33
C ASN B 198 41.53 15.53 15.13
N LEU B 199 41.04 15.34 13.91
CA LEU B 199 41.85 15.52 12.71
C LEU B 199 41.60 16.85 11.98
N VAL B 200 40.44 17.48 12.18
CA VAL B 200 40.12 18.68 11.40
C VAL B 200 41.20 19.75 11.60
N THR B 201 41.60 20.38 10.49
CA THR B 201 42.41 21.59 10.48
C THR B 201 41.61 22.75 9.90
N ARG B 202 42.20 23.94 9.92
CA ARG B 202 41.48 25.09 9.40
C ARG B 202 41.44 25.12 7.88
N GLN B 203 42.29 24.36 7.19
CA GLN B 203 42.17 24.21 5.75
C GLN B 203 41.14 23.16 5.33
N ASP B 204 40.57 22.42 6.27
CA ASP B 204 39.53 21.46 5.96
C ASP B 204 38.16 22.11 6.01
N LEU B 205 37.15 21.31 5.67
CA LEU B 205 35.75 21.70 5.87
C LEU B 205 35.02 20.56 6.54
N VAL B 206 34.34 20.86 7.65
CA VAL B 206 33.48 19.91 8.35
C VAL B 206 32.04 20.21 8.00
N THR B 207 31.32 19.21 7.52
CA THR B 207 29.89 19.32 7.28
C THR B 207 29.20 18.23 8.10
N SER B 208 27.93 18.46 8.41
CA SER B 208 27.14 17.54 9.21
C SER B 208 25.74 17.45 8.63
N GLY B 209 25.25 16.22 8.50
CA GLY B 209 23.85 16.02 8.14
C GLY B 209 22.88 16.54 9.19
N LYS B 210 23.33 16.72 10.42
CA LYS B 210 22.48 17.19 11.50
C LYS B 210 22.94 18.54 12.04
N LYS B 211 21.97 19.36 12.44
CA LYS B 211 22.24 20.73 12.83
C LYS B 211 22.85 20.82 14.24
N GLU B 212 22.23 20.20 15.24
CA GLU B 212 22.78 20.31 16.59
C GLU B 212 24.18 19.70 16.67
N ASN B 213 24.38 18.55 16.01
CA ASN B 213 25.70 17.92 15.95
C ASN B 213 26.77 18.92 15.52
N CYS B 214 26.39 19.85 14.64
CA CYS B 214 27.29 20.89 14.16
C CYS B 214 27.90 21.69 15.31
N GLN B 215 27.04 22.20 16.18
CA GLN B 215 27.51 23.01 17.29
C GLN B 215 28.37 22.19 18.25
N GLU B 216 28.02 20.93 18.45
CA GLU B 216 28.82 20.09 19.32
C GLU B 216 30.22 19.92 18.76
N ILE B 217 30.34 19.78 17.44
CA ILE B 217 31.65 19.67 16.83
C ILE B 217 32.45 20.94 17.04
N THR B 218 31.84 22.10 16.75
CA THR B 218 32.53 23.37 16.88
C THR B 218 32.96 23.63 18.32
N THR B 219 32.08 23.35 19.27
CA THR B 219 32.40 23.54 20.68
C THR B 219 33.50 22.60 21.12
N ASP B 220 33.38 21.32 20.78
CA ASP B 220 34.33 20.30 21.24
C ASP B 220 35.74 20.54 20.70
N VAL B 221 35.85 20.98 19.44
CA VAL B 221 37.18 21.27 18.89
C VAL B 221 37.81 22.46 19.61
N MET B 222 37.00 23.45 19.97
CA MET B 222 37.53 24.60 20.71
C MET B 222 37.96 24.20 22.11
N ARG B 223 37.15 23.41 22.80
CA ARG B 223 37.49 23.06 24.18
C ARG B 223 38.61 22.04 24.25
N GLN B 224 38.66 21.07 23.32
CA GLN B 224 39.66 20.01 23.39
C GLN B 224 40.98 20.39 22.72
N ARG B 225 40.94 21.18 21.65
CA ARG B 225 42.14 21.50 20.89
C ARG B 225 42.40 22.99 20.78
N GLY B 226 41.53 23.83 21.33
CA GLY B 226 41.77 25.26 21.27
C GLY B 226 41.71 25.84 19.88
N LEU B 227 41.10 25.13 18.94
CA LEU B 227 41.08 25.52 17.54
C LEU B 227 39.71 26.06 17.18
N GLU B 228 39.66 27.22 16.55
CA GLU B 228 38.39 27.78 16.08
C GLU B 228 38.11 27.25 14.68
N ILE B 229 37.01 26.51 14.54
CA ILE B 229 36.56 26.04 13.25
C ILE B 229 35.10 26.46 13.07
N SER B 230 34.62 26.33 11.83
CA SER B 230 33.23 26.62 11.51
C SER B 230 32.68 25.43 10.73
N ALA B 231 32.05 24.50 11.45
CA ALA B 231 31.31 23.42 10.83
C ALA B 231 29.98 23.94 10.31
N ARG B 232 29.48 23.34 9.23
CA ARG B 232 28.19 23.72 8.69
C ARG B 232 27.36 22.47 8.38
N THR B 233 26.05 22.65 8.32
CA THR B 233 25.22 21.55 7.86
C THR B 233 25.43 21.31 6.37
N VAL B 234 25.18 20.07 5.95
CA VAL B 234 25.19 19.77 4.53
C VAL B 234 24.24 20.70 3.78
N ASP B 235 23.04 20.93 4.33
CA ASP B 235 22.08 21.82 3.68
C ASP B 235 22.65 23.23 3.54
N SER B 236 23.33 23.73 4.60
CA SER B 236 23.94 25.06 4.51
C SER B 236 24.90 25.15 3.34
N LEU B 237 25.75 24.15 3.17
CA LEU B 237 26.70 24.16 2.06
C LEU B 237 25.97 24.12 0.73
N LEU B 238 24.98 23.22 0.58
CA LEU B 238 24.27 23.10 -0.70
C LEU B 238 23.50 24.37 -1.04
N LEU B 239 22.96 25.06 -0.03
CA LEU B 239 22.13 26.23 -0.29
C LEU B 239 22.91 27.53 -0.39
N ASN B 240 24.14 27.58 0.14
CA ASN B 240 24.92 28.81 0.12
C ASN B 240 26.28 28.66 -0.53
N GLY B 241 26.70 27.46 -0.88
CA GLY B 241 27.95 27.29 -1.59
C GLY B 241 29.16 27.32 -0.68
N CYS B 242 30.32 27.15 -1.29
CA CYS B 242 31.60 27.04 -0.60
C CYS B 242 32.57 28.00 -1.27
N ASN B 243 33.08 28.97 -0.51
CA ASN B 243 33.80 30.11 -1.06
C ASN B 243 35.28 30.13 -0.66
N ARG B 244 35.89 28.95 -0.49
CA ARG B 244 37.29 28.85 -0.14
C ARG B 244 37.77 27.45 -0.52
N PRO B 245 39.08 27.28 -0.76
CA PRO B 245 39.62 25.96 -1.04
C PRO B 245 39.59 25.07 0.19
N VAL B 246 39.53 23.76 -0.06
CA VAL B 246 39.37 22.78 1.00
C VAL B 246 40.32 21.62 0.74
N ASP B 247 41.01 21.17 1.79
CA ASP B 247 41.84 19.98 1.68
C ASP B 247 41.01 18.71 1.87
N VAL B 248 40.56 18.45 3.10
CA VAL B 248 39.71 17.30 3.40
C VAL B 248 38.30 17.80 3.69
N LEU B 249 37.32 17.19 3.03
CA LEU B 249 35.92 17.41 3.35
C LEU B 249 35.48 16.30 4.29
N TYR B 250 35.15 16.66 5.54
CA TYR B 250 34.51 15.74 6.47
C TYR B 250 32.99 15.90 6.41
N VAL B 251 32.27 14.77 6.41
CA VAL B 251 30.81 14.78 6.41
C VAL B 251 30.36 13.90 7.56
N ASP B 252 29.95 14.52 8.66
CA ASP B 252 29.42 13.78 9.79
C ASP B 252 27.93 13.54 9.60
N GLU B 253 27.43 12.47 10.24
CA GLU B 253 26.05 11.99 10.06
C GLU B 253 25.69 11.87 8.57
N ALA B 254 26.61 11.29 7.80
CA ALA B 254 26.48 11.29 6.35
C ALA B 254 25.26 10.52 5.89
N PHE B 255 24.83 9.49 6.63
CA PHE B 255 23.66 8.69 6.23
C PHE B 255 22.34 9.39 6.45
N ALA B 256 22.34 10.55 7.07
CA ALA B 256 21.12 11.34 7.04
C ALA B 256 20.84 11.93 5.66
N CYS B 257 21.71 11.68 4.68
CA CYS B 257 21.66 12.33 3.38
C CYS B 257 21.62 11.23 2.32
N HIS B 258 20.84 11.46 1.26
CA HIS B 258 20.88 10.60 0.09
C HIS B 258 22.27 10.64 -0.56
N SER B 259 22.69 9.50 -1.12
CA SER B 259 23.99 9.42 -1.79
C SER B 259 24.14 10.49 -2.88
N GLY B 260 23.06 10.80 -3.60
CA GLY B 260 23.15 11.82 -4.64
C GLY B 260 23.36 13.20 -4.07
N THR B 261 22.81 13.46 -2.88
CA THR B 261 23.10 14.69 -2.17
C THR B 261 24.57 14.79 -1.78
N LEU B 262 25.15 13.69 -1.29
CA LEU B 262 26.56 13.73 -0.92
C LEU B 262 27.43 13.96 -2.15
N LEU B 263 27.10 13.32 -3.27
CA LEU B 263 27.79 13.57 -4.53
C LEU B 263 27.76 15.06 -4.88
N ALA B 264 26.56 15.67 -4.83
CA ALA B 264 26.45 17.09 -5.12
C ALA B 264 27.32 17.91 -4.17
N LEU B 265 27.25 17.61 -2.87
CA LEU B 265 28.08 18.29 -1.88
C LEU B 265 29.56 18.16 -2.20
N ILE B 266 30.01 16.94 -2.53
CA ILE B 266 31.42 16.74 -2.85
C ILE B 266 31.80 17.57 -4.08
N ALA B 267 30.95 17.58 -5.10
CA ALA B 267 31.27 18.33 -6.31
C ALA B 267 31.24 19.83 -6.06
N LEU B 268 30.47 20.29 -5.08
CA LEU B 268 30.43 21.72 -4.81
C LEU B 268 31.64 22.17 -3.98
N VAL B 269 32.15 21.30 -3.12
CA VAL B 269 33.28 21.66 -2.26
C VAL B 269 34.62 21.43 -2.99
N ARG B 270 34.72 20.38 -3.80
CA ARG B 270 35.94 20.04 -4.51
C ARG B 270 37.18 19.92 -3.59
N PRO B 271 37.14 19.00 -2.62
CA PRO B 271 38.31 18.86 -1.74
C PRO B 271 39.56 18.44 -2.50
N ARG B 272 40.70 18.96 -2.09
CA ARG B 272 41.94 18.66 -2.81
C ARG B 272 42.49 17.29 -2.46
N GLN B 273 42.24 16.80 -1.24
CA GLN B 273 42.86 15.58 -0.76
C GLN B 273 41.90 14.38 -0.82
N LYS B 274 40.80 14.44 -0.07
CA LYS B 274 39.91 13.28 0.09
C LYS B 274 38.62 13.72 0.76
N VAL B 275 37.66 12.80 0.76
CA VAL B 275 36.39 12.93 1.49
C VAL B 275 36.37 11.83 2.55
N VAL B 276 35.94 12.20 3.76
CA VAL B 276 35.71 11.28 4.86
C VAL B 276 34.24 11.42 5.26
N LEU B 277 33.48 10.34 5.09
CA LEU B 277 32.10 10.26 5.55
C LEU B 277 32.03 9.49 6.86
N CYS B 278 31.25 10.02 7.82
CA CYS B 278 31.07 9.36 9.10
C CYS B 278 29.58 9.21 9.35
N GLY B 279 29.12 7.98 9.64
CA GLY B 279 27.69 7.85 9.87
C GLY B 279 27.29 6.45 10.26
N ASP B 280 25.98 6.28 10.40
CA ASP B 280 25.38 5.03 10.84
C ASP B 280 24.03 4.87 10.18
N PRO B 281 23.88 3.94 9.24
CA PRO B 281 22.59 3.78 8.56
C PRO B 281 21.47 3.32 9.47
N LYS B 282 21.76 2.89 10.69
CA LYS B 282 20.73 2.45 11.62
C LYS B 282 20.15 3.60 12.44
N GLN B 283 20.69 4.82 12.29
CA GLN B 283 20.13 6.00 12.90
C GLN B 283 19.26 6.73 11.87
N CYS B 284 18.81 7.94 12.20
CA CYS B 284 17.83 8.62 11.36
C CYS B 284 18.44 8.98 10.02
N GLY B 285 17.77 8.60 8.94
CA GLY B 285 18.17 8.95 7.59
C GLY B 285 17.36 10.11 7.06
N PHE B 286 17.43 10.29 5.75
CA PHE B 286 16.51 11.20 5.10
C PHE B 286 15.16 10.51 4.94
N PHE B 287 14.09 11.25 5.19
CA PHE B 287 12.75 10.75 4.91
C PHE B 287 12.16 11.46 3.70
N ASN B 288 11.27 10.77 3.04
CA ASN B 288 10.54 11.30 1.89
C ASN B 288 9.11 11.59 2.34
N MET B 289 8.75 12.88 2.35
CA MET B 289 7.39 13.25 2.72
C MET B 289 6.36 12.61 1.81
N MET B 290 6.72 12.35 0.55
CA MET B 290 5.82 11.71 -0.39
C MET B 290 5.79 10.20 -0.26
N GLN B 291 6.62 9.62 0.61
CA GLN B 291 6.67 8.17 0.83
C GLN B 291 7.03 7.44 -0.47
N MET B 292 7.93 8.04 -1.24
CA MET B 292 8.41 7.42 -2.47
C MET B 292 9.51 6.42 -2.15
N LYS B 293 9.49 5.29 -2.85
CA LYS B 293 10.54 4.30 -2.65
C LYS B 293 11.84 4.79 -3.23
N VAL B 294 12.92 4.56 -2.50
CA VAL B 294 14.26 5.02 -2.85
C VAL B 294 14.98 3.86 -3.53
N ASN B 295 15.39 4.07 -4.78
CA ASN B 295 16.04 3.02 -5.56
C ASN B 295 17.53 3.22 -5.76
N TYR B 296 18.04 4.44 -5.65
CA TYR B 296 19.39 4.75 -6.10
C TYR B 296 20.22 5.44 -5.04
N ASN B 297 20.05 5.02 -3.78
CA ASN B 297 20.91 5.44 -2.68
C ASN B 297 22.17 4.57 -2.64
N HIS B 298 22.98 4.69 -3.69
CA HIS B 298 24.14 3.82 -3.87
C HIS B 298 25.26 4.15 -2.90
N ASN B 299 26.08 3.14 -2.58
CA ASN B 299 27.33 3.42 -1.90
C ASN B 299 28.24 4.25 -2.81
N ILE B 300 28.89 5.26 -2.24
CA ILE B 300 29.79 6.12 -2.99
C ILE B 300 31.21 6.11 -2.42
N CYS B 301 31.46 5.33 -1.37
CA CYS B 301 32.78 5.21 -0.78
C CYS B 301 33.70 4.36 -1.63
N THR B 302 34.97 4.75 -1.68
CA THR B 302 36.00 3.92 -2.30
C THR B 302 36.73 3.05 -1.27
N GLN B 303 36.64 3.38 0.01
CA GLN B 303 37.09 2.55 1.12
C GLN B 303 36.07 2.67 2.24
N VAL B 304 35.79 1.56 2.90
CA VAL B 304 34.80 1.51 3.98
C VAL B 304 35.44 0.88 5.20
N TYR B 305 35.29 1.54 6.35
CA TYR B 305 35.70 1.01 7.64
C TYR B 305 34.50 0.93 8.58
N HIS B 306 34.55 -0.01 9.54
CA HIS B 306 33.43 -0.25 10.45
C HIS B 306 33.87 -0.16 11.90
N LYS B 307 33.06 0.52 12.72
CA LYS B 307 33.26 0.58 14.16
C LYS B 307 32.16 -0.23 14.85
N SER B 308 32.56 -1.16 15.72
CA SER B 308 31.60 -1.97 16.45
C SER B 308 31.60 -1.72 17.95
N ILE B 309 32.55 -0.95 18.48
CA ILE B 309 32.70 -0.77 19.92
C ILE B 309 32.35 0.67 20.28
N SER B 310 31.32 0.85 21.09
CA SER B 310 30.97 2.17 21.54
C SER B 310 31.84 2.55 22.75
N ARG B 311 32.06 3.85 22.91
CA ARG B 311 32.63 4.37 24.14
C ARG B 311 31.63 5.15 24.98
N ARG B 312 30.55 5.66 24.38
CA ARG B 312 29.57 6.43 25.12
C ARG B 312 28.50 5.55 25.79
N CYS B 313 27.96 4.58 25.05
CA CYS B 313 26.64 4.06 25.40
C CYS B 313 26.70 3.16 26.64
N THR B 314 25.67 3.26 27.47
CA THR B 314 25.64 2.47 28.69
C THR B 314 25.43 1.00 28.36
N LEU B 315 25.72 0.14 29.34
CA LEU B 315 25.54 -1.29 29.12
C LEU B 315 24.07 -1.67 28.92
N PRO B 316 23.11 -1.20 29.74
CA PRO B 316 21.70 -1.49 29.42
C PRO B 316 21.27 -1.01 28.04
N VAL B 317 21.67 0.19 27.64
CA VAL B 317 21.28 0.68 26.32
C VAL B 317 21.97 -0.12 25.23
N THR B 318 23.27 -0.39 25.37
CA THR B 318 23.96 -1.15 24.34
C THR B 318 23.31 -2.51 24.13
N ALA B 319 22.96 -3.19 25.22
CA ALA B 319 22.23 -4.46 25.12
C ALA B 319 20.99 -4.33 24.25
N ILE B 320 20.20 -3.27 24.45
CA ILE B 320 18.95 -3.12 23.71
C ILE B 320 19.22 -2.87 22.23
N VAL B 321 20.04 -1.86 21.92
CA VAL B 321 20.15 -1.48 20.51
C VAL B 321 21.06 -2.46 19.76
N SER B 322 22.05 -3.05 20.44
CA SER B 322 22.89 -4.05 19.78
C SER B 322 22.02 -5.18 19.23
N SER B 323 21.06 -5.65 20.03
CA SER B 323 20.17 -6.73 19.61
C SER B 323 19.22 -6.28 18.51
N LEU B 324 18.62 -5.09 18.66
CA LEU B 324 17.59 -4.67 17.71
C LEU B 324 18.20 -4.34 16.35
N HIS B 325 19.33 -3.64 16.34
CA HIS B 325 19.77 -2.98 15.12
C HIS B 325 21.13 -3.39 14.61
N TYR B 326 22.00 -3.96 15.44
CA TYR B 326 23.38 -4.22 15.05
C TYR B 326 23.74 -5.71 15.13
N GLU B 327 22.74 -6.59 15.11
CA GLU B 327 22.95 -8.04 15.08
C GLU B 327 23.76 -8.52 16.29
N GLY B 328 23.56 -7.87 17.44
CA GLY B 328 24.30 -8.22 18.64
C GLY B 328 25.79 -7.99 18.57
N LYS B 329 26.29 -7.30 17.54
CA LYS B 329 27.74 -7.09 17.41
C LYS B 329 28.22 -5.83 18.09
N MET B 330 27.33 -4.93 18.47
CA MET B 330 27.74 -3.71 19.16
C MET B 330 28.09 -4.02 20.60
N ARG B 331 29.24 -3.53 21.05
CA ARG B 331 29.65 -3.59 22.44
C ARG B 331 29.98 -2.18 22.89
N THR B 332 30.27 -2.02 24.17
CA THR B 332 30.65 -0.71 24.70
C THR B 332 31.73 -0.87 25.74
N THR B 333 32.57 0.16 25.87
CA THR B 333 33.56 0.22 26.93
C THR B 333 33.02 0.89 28.19
N ASN B 334 31.82 1.46 28.13
CA ASN B 334 31.23 2.15 29.27
C ASN B 334 30.83 1.14 30.34
N GLU B 335 31.33 1.33 31.55
CA GLU B 335 31.01 0.44 32.66
C GLU B 335 29.64 0.72 33.26
N TYR B 336 29.03 1.86 32.93
CA TYR B 336 27.76 2.25 33.55
C TYR B 336 26.71 1.17 33.32
N ASN B 337 26.09 0.73 34.43
CA ASN B 337 25.13 -0.37 34.36
C ASN B 337 23.98 -0.18 35.34
N LYS B 338 23.67 1.05 35.74
CA LYS B 338 22.49 1.27 36.55
C LYS B 338 21.24 1.03 35.72
N PRO B 339 20.14 0.60 36.33
CA PRO B 339 18.93 0.31 35.54
C PRO B 339 18.34 1.57 34.93
N ILE B 340 17.76 1.39 33.74
CA ILE B 340 16.95 2.44 33.14
C ILE B 340 15.73 2.69 34.01
N VAL B 341 15.47 3.96 34.31
CA VAL B 341 14.37 4.32 35.20
C VAL B 341 13.12 4.58 34.37
N VAL B 342 12.09 3.77 34.58
CA VAL B 342 10.80 3.93 33.92
C VAL B 342 9.89 4.68 34.87
N ASP B 343 9.24 5.73 34.36
CA ASP B 343 8.36 6.56 35.19
C ASP B 343 6.97 6.57 34.56
N THR B 344 6.06 5.77 35.12
CA THR B 344 4.67 5.75 34.67
C THR B 344 3.72 6.40 35.66
N THR B 345 4.24 6.95 36.76
CA THR B 345 3.41 7.49 37.83
C THR B 345 3.69 8.96 38.11
N GLY B 346 4.61 9.58 37.37
CA GLY B 346 4.93 10.97 37.60
C GLY B 346 5.74 11.25 38.84
N SER B 347 6.64 10.35 39.22
CA SER B 347 7.45 10.52 40.41
C SER B 347 8.84 11.11 40.16
N THR B 348 9.27 11.20 38.90
CA THR B 348 10.62 11.66 38.59
C THR B 348 10.58 13.09 38.06
N LYS B 349 11.75 13.74 38.14
CA LYS B 349 12.00 15.05 37.56
C LYS B 349 13.40 15.04 36.98
N PRO B 350 13.63 15.74 35.88
CA PRO B 350 14.98 15.79 35.32
C PRO B 350 15.95 16.49 36.28
N ASP B 351 17.21 16.07 36.19
CA ASP B 351 18.30 16.70 36.93
C ASP B 351 18.99 17.73 36.03
N PRO B 352 19.56 18.78 36.63
CA PRO B 352 20.28 19.77 35.82
C PRO B 352 21.36 19.11 34.97
N GLY B 353 21.35 19.44 33.69
CA GLY B 353 22.22 18.81 32.71
C GLY B 353 21.56 17.71 31.89
N ASP B 354 20.36 17.27 32.27
CA ASP B 354 19.66 16.26 31.47
C ASP B 354 19.21 16.85 30.14
N LEU B 355 19.31 16.04 29.09
CA LEU B 355 18.73 16.39 27.81
C LEU B 355 17.33 15.78 27.76
N VAL B 356 16.32 16.63 27.58
CA VAL B 356 14.94 16.17 27.51
C VAL B 356 14.63 15.83 26.06
N LEU B 357 14.21 14.61 25.81
CA LEU B 357 14.00 14.14 24.45
C LEU B 357 12.59 13.59 24.31
N THR B 358 12.05 13.73 23.09
CA THR B 358 10.81 13.09 22.69
C THR B 358 10.92 12.84 21.18
N CYS B 359 10.09 11.92 20.66
CA CYS B 359 10.15 11.68 19.22
C CYS B 359 9.33 12.67 18.40
N PHE B 360 8.24 13.23 18.96
CA PHE B 360 7.29 14.03 18.20
C PHE B 360 7.65 15.50 18.30
N ARG B 361 7.75 16.16 17.14
CA ARG B 361 8.01 17.60 17.13
C ARG B 361 6.90 18.37 17.83
N GLY B 362 5.65 17.88 17.76
CA GLY B 362 4.54 18.59 18.34
C GLY B 362 4.53 18.59 19.86
N TRP B 363 5.21 17.63 20.47
CA TRP B 363 5.26 17.57 21.93
C TRP B 363 6.35 18.47 22.51
N VAL B 364 7.30 18.93 21.69
CA VAL B 364 8.40 19.74 22.19
C VAL B 364 7.88 21.01 22.87
N LYS B 365 6.83 21.62 22.31
CA LYS B 365 6.37 22.90 22.85
C LYS B 365 5.97 22.77 24.32
N GLN B 366 5.19 21.73 24.66
CA GLN B 366 4.73 21.58 26.03
C GLN B 366 5.86 21.20 26.96
N LEU B 367 6.81 20.37 26.48
CA LEU B 367 7.93 19.98 27.32
C LEU B 367 8.83 21.17 27.62
N GLN B 368 8.98 22.08 26.67
CA GLN B 368 9.73 23.32 26.92
C GLN B 368 9.10 24.11 28.05
N ILE B 369 7.76 24.18 28.06
CA ILE B 369 7.06 24.84 29.17
C ILE B 369 7.19 24.04 30.44
N ASP B 370 7.08 22.71 30.34
CA ASP B 370 7.17 21.85 31.53
C ASP B 370 8.53 21.96 32.19
N TYR B 371 9.60 22.10 31.40
CA TYR B 371 10.97 22.05 31.90
C TYR B 371 11.74 23.25 31.36
N ARG B 372 11.26 24.45 31.70
CA ARG B 372 11.97 25.67 31.34
C ARG B 372 13.40 25.62 31.88
N GLY B 373 14.34 26.14 31.09
CA GLY B 373 15.74 26.07 31.42
C GLY B 373 16.44 24.81 30.96
N TYR B 374 15.70 23.79 30.55
CA TYR B 374 16.32 22.54 30.09
C TYR B 374 16.44 22.53 28.57
N GLU B 375 17.50 21.88 28.08
CA GLU B 375 17.55 21.47 26.69
C GLU B 375 16.41 20.50 26.40
N VAL B 376 15.63 20.77 25.36
N VAL B 376 15.63 20.80 25.35
CA VAL B 376 14.60 19.82 24.95
CA VAL B 376 14.51 19.97 24.91
C VAL B 376 14.47 19.90 23.45
C VAL B 376 14.54 19.94 23.39
N MET B 377 14.50 18.74 22.81
CA MET B 377 14.48 18.63 21.36
C MET B 377 13.97 17.24 21.02
N THR B 378 13.75 17.02 19.73
CA THR B 378 13.36 15.70 19.28
C THR B 378 14.54 14.75 19.28
N ALA B 379 14.23 13.44 19.33
CA ALA B 379 15.25 12.43 19.14
C ALA B 379 16.03 12.67 17.86
N ALA B 380 15.33 12.93 16.76
CA ALA B 380 16.03 13.13 15.49
C ALA B 380 16.96 14.33 15.55
N ALA B 381 16.53 15.43 16.19
CA ALA B 381 17.37 16.62 16.27
C ALA B 381 18.62 16.39 17.13
N SER B 382 18.57 15.42 18.03
CA SER B 382 19.68 15.18 18.94
C SER B 382 20.77 14.29 18.35
N GLN B 383 20.54 13.70 17.18
CA GLN B 383 21.46 12.70 16.63
C GLN B 383 22.88 13.25 16.50
N GLY B 384 23.84 12.57 17.14
CA GLY B 384 25.22 13.03 17.16
C GLY B 384 25.68 13.56 18.50
N LEU B 385 24.75 13.97 19.37
CA LEU B 385 25.07 14.57 20.68
C LEU B 385 25.39 13.52 21.73
N THR B 386 26.30 13.88 22.65
CA THR B 386 26.59 13.12 23.87
C THR B 386 26.10 13.94 25.07
N ARG B 387 25.37 13.31 25.98
CA ARG B 387 24.88 14.00 27.17
C ARG B 387 25.06 13.12 28.40
N LYS B 388 25.24 13.78 29.56
CA LYS B 388 25.43 13.07 30.83
C LYS B 388 24.21 12.25 31.20
N GLY B 389 23.03 12.77 30.91
CA GLY B 389 21.79 12.05 31.19
C GLY B 389 20.73 12.47 30.20
N VAL B 390 19.78 11.57 29.97
CA VAL B 390 18.65 11.79 29.08
C VAL B 390 17.38 11.57 29.87
N TYR B 391 16.43 12.49 29.73
CA TYR B 391 15.10 12.41 30.33
C TYR B 391 14.11 12.35 29.17
N ALA B 392 13.72 11.14 28.79
CA ALA B 392 12.83 10.98 27.65
C ALA B 392 11.39 10.97 28.13
N VAL B 393 10.52 11.67 27.39
CA VAL B 393 9.13 11.82 27.76
C VAL B 393 8.26 11.41 26.58
N ARG B 394 7.28 10.54 26.83
CA ARG B 394 6.31 10.14 25.82
C ARG B 394 4.92 10.47 26.33
N GLN B 395 4.21 11.34 25.61
CA GLN B 395 2.92 11.81 26.11
C GLN B 395 1.78 10.83 25.87
N LYS B 396 1.83 10.05 24.79
CA LYS B 396 0.75 9.13 24.44
C LYS B 396 1.34 7.86 23.85
N VAL B 397 0.67 6.74 24.10
CA VAL B 397 1.10 5.43 23.62
C VAL B 397 0.13 4.96 22.55
N ASN B 398 0.61 4.79 21.33
CA ASN B 398 -0.22 4.26 20.25
C ASN B 398 0.71 3.58 19.24
N GLU B 399 0.22 3.36 18.03
CA GLU B 399 0.96 2.59 17.03
C GLU B 399 1.80 3.47 16.09
N ASN B 400 2.15 4.67 16.51
CA ASN B 400 2.92 5.55 15.64
C ASN B 400 4.27 4.91 15.33
N PRO B 401 4.66 4.87 14.04
CA PRO B 401 5.92 4.20 13.68
C PRO B 401 7.16 4.77 14.36
N LEU B 402 7.13 6.03 14.78
CA LEU B 402 8.30 6.61 15.43
C LEU B 402 8.61 5.93 16.75
N TYR B 403 7.61 5.29 17.37
CA TYR B 403 7.85 4.53 18.59
C TYR B 403 7.80 3.02 18.36
N ALA B 404 7.83 2.57 17.10
CA ALA B 404 7.87 1.13 16.82
C ALA B 404 9.19 0.53 17.28
N SER B 405 9.17 -0.80 17.45
CA SER B 405 10.33 -1.56 17.88
C SER B 405 11.56 -1.21 17.05
N THR B 406 11.40 -1.11 15.74
CA THR B 406 12.52 -0.94 14.85
C THR B 406 12.81 0.53 14.55
N SER B 407 12.24 1.45 15.34
CA SER B 407 12.37 2.86 15.03
C SER B 407 13.81 3.35 15.20
N GLU B 408 14.33 3.99 14.15
CA GLU B 408 15.63 4.62 14.22
C GLU B 408 15.63 5.80 15.20
N HIS B 409 14.46 6.41 15.43
CA HIS B 409 14.37 7.53 16.36
C HIS B 409 14.63 7.09 17.80
N VAL B 410 14.01 5.99 18.23
CA VAL B 410 14.26 5.52 19.59
C VAL B 410 15.70 5.06 19.74
N ASN B 411 16.24 4.39 18.72
CA ASN B 411 17.65 4.02 18.69
C ASN B 411 18.53 5.25 18.96
N VAL B 412 18.24 6.37 18.29
CA VAL B 412 19.01 7.58 18.56
C VAL B 412 18.77 8.06 19.99
N LEU B 413 17.50 8.08 20.40
CA LEU B 413 17.13 8.60 21.71
C LEU B 413 17.88 7.88 22.83
N LEU B 414 17.87 6.55 22.82
CA LEU B 414 18.48 5.79 23.90
C LEU B 414 20.01 5.95 23.93
N THR B 415 20.63 6.26 22.79
CA THR B 415 22.08 6.24 22.69
C THR B 415 22.73 7.59 22.91
N ARG B 416 21.96 8.61 23.32
CA ARG B 416 22.52 9.94 23.60
C ARG B 416 23.20 10.00 24.97
N THR B 417 22.85 9.11 25.88
CA THR B 417 23.34 9.24 27.24
C THR B 417 24.60 8.41 27.44
N GLU B 418 25.52 8.94 28.23
CA GLU B 418 26.62 8.14 28.76
C GLU B 418 26.32 7.61 30.16
N GLY B 419 25.15 7.93 30.71
CA GLY B 419 24.75 7.42 32.01
C GLY B 419 23.26 7.29 32.20
N LYS B 420 22.68 8.17 33.01
CA LYS B 420 21.29 8.01 33.39
C LYS B 420 20.35 8.15 32.20
N LEU B 421 19.35 7.27 32.15
CA LEU B 421 18.26 7.37 31.20
C LEU B 421 16.96 7.21 31.98
N VAL B 422 16.09 8.21 31.88
CA VAL B 422 14.72 8.11 32.39
C VAL B 422 13.80 8.02 31.19
N TRP B 423 12.85 7.08 31.23
CA TRP B 423 11.84 6.91 30.21
C TRP B 423 10.49 7.17 30.87
N LYS B 424 10.00 8.41 30.75
CA LYS B 424 8.70 8.77 31.30
C LYS B 424 7.63 8.53 30.25
N THR B 425 6.61 7.78 30.61
CA THR B 425 5.61 7.31 29.65
C THR B 425 4.34 6.92 30.41
N LEU B 426 3.39 6.33 29.71
CA LEU B 426 2.17 5.81 30.31
C LEU B 426 2.29 4.31 30.48
N SER B 427 1.66 3.80 31.53
CA SER B 427 1.59 2.35 31.74
C SER B 427 1.03 1.66 30.50
N GLY B 428 1.60 0.51 30.16
CA GLY B 428 1.27 -0.20 28.94
C GLY B 428 2.18 0.09 27.77
N ASP B 429 3.09 1.05 27.89
CA ASP B 429 4.06 1.30 26.83
C ASP B 429 4.84 0.03 26.52
N PRO B 430 4.77 -0.51 25.31
CA PRO B 430 5.52 -1.74 24.98
C PRO B 430 7.03 -1.61 25.18
N TRP B 431 7.58 -0.40 25.17
CA TRP B 431 9.02 -0.24 25.35
C TRP B 431 9.46 -0.54 26.78
N ILE B 432 8.52 -0.55 27.74
CA ILE B 432 8.89 -0.77 29.13
C ILE B 432 9.52 -2.15 29.33
N LYS B 433 9.09 -3.14 28.56
CA LYS B 433 9.62 -4.50 28.75
C LYS B 433 11.11 -4.55 28.46
N THR B 434 11.53 -4.05 27.30
CA THR B 434 12.95 -4.06 26.96
C THR B 434 13.75 -3.16 27.91
N LEU B 435 13.21 -1.99 28.25
CA LEU B 435 13.95 -1.04 29.07
C LEU B 435 14.24 -1.60 30.45
N GLN B 436 13.26 -2.26 31.07
CA GLN B 436 13.44 -2.84 32.39
C GLN B 436 14.15 -4.18 32.35
N ASN B 437 14.11 -4.89 31.22
CA ASN B 437 14.74 -6.20 31.09
C ASN B 437 15.59 -6.24 29.82
N PRO B 438 16.72 -5.54 29.81
CA PRO B 438 17.53 -5.48 28.59
C PRO B 438 18.05 -6.86 28.24
N PRO B 439 18.34 -7.10 26.97
CA PRO B 439 18.83 -8.43 26.55
C PRO B 439 20.10 -8.82 27.32
N LYS B 440 20.20 -10.11 27.61
CA LYS B 440 21.38 -10.60 28.29
C LYS B 440 22.48 -10.90 27.28
N GLY B 441 23.70 -11.00 27.77
CA GLY B 441 24.84 -11.15 26.90
C GLY B 441 25.99 -10.30 27.40
N ASN B 442 27.19 -10.51 26.86
CA ASN B 442 28.36 -9.70 27.21
C ASN B 442 28.48 -8.65 26.12
N PHE B 443 27.91 -7.48 26.37
CA PHE B 443 28.10 -6.33 25.52
C PHE B 443 29.25 -5.47 26.01
N LYS B 444 30.10 -6.03 26.86
CA LYS B 444 31.26 -5.33 27.38
C LYS B 444 32.44 -5.49 26.41
N ALA B 445 33.17 -4.39 26.21
CA ALA B 445 34.45 -4.44 25.52
C ALA B 445 35.48 -3.72 26.36
N THR B 446 36.75 -4.08 26.17
CA THR B 446 37.82 -3.39 26.87
C THR B 446 38.26 -2.15 26.09
N ILE B 447 38.82 -1.18 26.82
CA ILE B 447 39.43 -0.01 26.18
C ILE B 447 40.45 -0.44 25.13
N LYS B 448 41.22 -1.49 25.42
CA LYS B 448 42.24 -1.95 24.49
C LYS B 448 41.62 -2.44 23.19
N GLU B 449 40.51 -3.18 23.27
CA GLU B 449 39.82 -3.64 22.07
C GLU B 449 39.34 -2.45 21.24
N TRP B 450 38.86 -1.40 21.90
CA TRP B 450 38.47 -0.20 21.17
C TRP B 450 39.67 0.45 20.49
N GLU B 451 40.80 0.54 21.19
CA GLU B 451 41.96 1.21 20.61
C GLU B 451 42.49 0.47 19.39
N VAL B 452 42.46 -0.86 19.44
CA VAL B 452 42.91 -1.64 18.29
C VAL B 452 41.99 -1.42 17.09
N GLU B 453 40.68 -1.51 17.32
CA GLU B 453 39.73 -1.19 16.26
C GLU B 453 39.98 0.21 15.72
N HIS B 454 40.14 1.19 16.62
CA HIS B 454 40.31 2.57 16.21
C HIS B 454 41.61 2.78 15.45
N ALA B 455 42.71 2.14 15.89
CA ALA B 455 43.99 2.31 15.22
C ALA B 455 43.95 1.78 13.80
N SER B 456 43.24 0.66 13.59
CA SER B 456 43.12 0.12 12.24
C SER B 456 42.40 1.09 11.32
N ILE B 457 41.39 1.80 11.84
CA ILE B 457 40.67 2.76 11.02
C ILE B 457 41.53 3.98 10.75
N MET B 458 42.19 4.51 11.78
CA MET B 458 43.07 5.66 11.61
C MET B 458 44.18 5.34 10.63
N ALA B 459 44.69 4.11 10.68
CA ALA B 459 45.74 3.71 9.74
C ALA B 459 45.24 3.77 8.31
N GLY B 460 43.97 3.46 8.09
CA GLY B 460 43.42 3.51 6.74
C GLY B 460 43.10 4.92 6.30
N ILE B 461 42.56 5.72 7.22
CA ILE B 461 42.22 7.10 6.90
C ILE B 461 43.46 7.90 6.50
N CYS B 462 44.57 7.68 7.19
CA CYS B 462 45.79 8.44 6.96
C CYS B 462 46.58 7.93 5.75
N SER B 463 46.15 6.84 5.12
CA SER B 463 46.76 6.37 3.88
C SER B 463 46.02 6.96 2.68
N HIS B 464 44.88 6.37 2.34
CA HIS B 464 43.94 6.90 1.35
C HIS B 464 44.57 7.27 0.00
#